data_9HUK
#
_entry.id   9HUK
#
_cell.length_a   82.430
_cell.length_b   85.000
_cell.length_c   177.570
_cell.angle_alpha   90.00
_cell.angle_beta   90.00
_cell.angle_gamma   90.00
#
_symmetry.space_group_name_H-M   'P 21 21 21'
#
loop_
_entity.id
_entity.type
_entity.pdbx_description
1 polymer 'Glycogen synthase kinase-3 beta'
2 non-polymer ~{N}-[4-[4-[2,3-bis(chloranyl)phenyl]piperazin-1-yl]butyl]-2-oxidanylidene-6-pyridin-3-yl-3~{H}-benzimidazole-1-carboxamide
#
_entity_poly.entity_id   1
_entity_poly.type   'polypeptide(L)'
_entity_poly.pdbx_seq_one_letter_code
;MGHHHHHHSSGVDLGTENLYFQSSGRPRTTSFAESCKPVQQPSAFGSMKVSRDKDGSKVTTVVATPGQGPDRPQEVSYTD
TKVIGNGSFGVVYQAKLCDSGELVAIKKVLQDKRFKNRELQIMRKLDHCNIVRLRYFFYSSGEKKDEVYLNLVLDYVPET
VYRVARHYSRAKQTLPVIYVKLYMYQLFRSLAYIHSFGICHRDIKPQNLLLDPDTAVLKLCDFGSAKQLVRGEPNVSYIC
SRYYRAPELIFGATDYTSSIDVWSAGCVLAELLLGQPIFPGDSGVDQLVEIIKVLGTPTREQIREMNPNYTEFKFPQIKA
HPWTKVFRPRTPPEAIALCSRLLEYTPTARLTPLEACAHSFFDELRDPNVKLPNGRDTPALFNFTTQELSSNPPLATILI
PPHARIQAAASTPTNATAASDANTGDRGQTNNAASASASNST
;
_entity_poly.pdbx_strand_id   A,B
#
# COMPACT_ATOMS: atom_id res chain seq x y z
N SER A 47 -28.61 -2.21 25.72
CA SER A 47 -28.92 -1.11 26.63
C SER A 47 -27.74 -0.77 27.53
N MET A 48 -27.47 0.52 27.68
CA MET A 48 -26.43 1.01 28.58
C MET A 48 -26.99 2.17 29.41
N LYS A 49 -26.50 2.30 30.63
CA LYS A 49 -26.99 3.30 31.57
C LYS A 49 -25.86 4.28 31.87
N VAL A 50 -26.03 5.53 31.44
CA VAL A 50 -25.08 6.60 31.71
C VAL A 50 -25.43 7.22 33.05
N SER A 51 -24.39 7.55 33.83
CA SER A 51 -24.57 8.16 35.14
C SER A 51 -23.29 8.91 35.48
N ARG A 52 -23.20 9.37 36.73
CA ARG A 52 -22.01 10.05 37.24
C ARG A 52 -21.64 9.46 38.59
N ASP A 53 -20.42 9.75 39.02
CA ASP A 53 -19.99 9.40 40.37
C ASP A 53 -20.47 10.47 41.35
N LYS A 54 -19.85 10.56 42.51
CA LYS A 54 -20.12 11.65 43.45
C LYS A 54 -19.00 12.69 43.46
N ASP A 55 -18.02 12.56 42.56
CA ASP A 55 -17.03 13.59 42.31
C ASP A 55 -17.16 14.19 40.92
N GLY A 56 -18.26 13.91 40.23
CA GLY A 56 -18.49 14.42 38.89
C GLY A 56 -17.51 13.91 37.86
N SER A 57 -17.62 12.63 37.51
CA SER A 57 -16.68 12.01 36.59
C SER A 57 -17.33 11.22 35.46
N LYS A 58 -18.64 10.99 35.50
CA LYS A 58 -19.38 10.29 34.44
C LYS A 58 -19.00 8.81 34.36
N VAL A 59 -20.00 7.93 34.33
CA VAL A 59 -19.78 6.48 34.36
C VAL A 59 -20.82 5.82 33.46
N THR A 60 -20.36 4.90 32.61
CA THR A 60 -21.23 4.10 31.77
C THR A 60 -21.32 2.69 32.33
N THR A 61 -22.54 2.16 32.41
CA THR A 61 -22.78 0.84 32.97
C THR A 61 -23.55 0.00 31.94
N VAL A 62 -22.94 -1.10 31.51
CA VAL A 62 -23.56 -1.98 30.52
C VAL A 62 -23.78 -3.35 31.15
N VAL A 63 -24.37 -4.27 30.38
CA VAL A 63 -24.51 -5.66 30.77
C VAL A 63 -23.91 -6.50 29.65
N ALA A 64 -22.72 -7.07 29.89
CA ALA A 64 -21.96 -7.74 28.85
C ALA A 64 -21.79 -9.22 29.18
N THR A 65 -21.43 -9.99 28.16
CA THR A 65 -21.19 -11.43 28.23
C THR A 65 -19.70 -11.69 28.32
N PRO A 66 -19.26 -12.58 29.22
CA PRO A 66 -17.83 -12.87 29.33
C PRO A 66 -17.26 -13.38 28.01
N GLY A 67 -16.04 -12.96 27.71
CA GLY A 67 -15.41 -13.37 26.45
C GLY A 67 -15.15 -14.86 26.41
N GLN A 68 -14.77 -15.45 27.53
CA GLN A 68 -14.56 -16.89 27.63
C GLN A 68 -15.32 -17.43 28.83
N GLY A 69 -15.73 -18.68 28.73
CA GLY A 69 -16.46 -19.34 29.79
C GLY A 69 -17.95 -19.38 29.53
N PRO A 70 -18.73 -19.67 30.57
CA PRO A 70 -20.18 -19.74 30.40
C PRO A 70 -20.79 -18.36 30.25
N ASP A 71 -21.90 -18.31 29.52
CA ASP A 71 -22.59 -17.06 29.22
C ASP A 71 -23.34 -16.63 30.48
N ARG A 72 -22.59 -16.05 31.41
CA ARG A 72 -23.16 -15.49 32.63
C ARG A 72 -23.00 -13.97 32.58
N PRO A 73 -24.04 -13.23 32.21
CA PRO A 73 -23.89 -11.78 31.98
C PRO A 73 -23.37 -11.05 33.21
N GLN A 74 -22.69 -9.93 32.96
CA GLN A 74 -21.97 -9.20 34.00
C GLN A 74 -22.42 -7.74 34.00
N GLU A 75 -22.29 -7.11 35.16
CA GLU A 75 -22.52 -5.67 35.31
C GLU A 75 -21.17 -4.98 35.32
N VAL A 76 -20.79 -4.39 34.19
CA VAL A 76 -19.51 -3.74 34.00
C VAL A 76 -19.73 -2.23 33.96
N SER A 77 -18.92 -1.50 34.72
CA SER A 77 -18.97 -0.04 34.75
C SER A 77 -17.59 0.52 34.43
N TYR A 78 -17.53 1.41 33.45
CA TYR A 78 -16.27 2.00 33.03
C TYR A 78 -16.42 3.52 32.91
N THR A 79 -15.28 4.20 33.03
CA THR A 79 -15.22 5.66 32.92
C THR A 79 -13.94 6.04 32.21
N ASP A 80 -13.71 7.35 32.09
CA ASP A 80 -12.51 7.90 31.46
C ASP A 80 -12.35 7.38 30.04
N THR A 81 -13.39 7.60 29.23
CA THR A 81 -13.45 7.09 27.87
C THR A 81 -12.75 8.06 26.92
N LYS A 82 -11.55 7.69 26.47
CA LYS A 82 -10.83 8.43 25.45
C LYS A 82 -10.75 7.61 24.18
N VAL A 83 -10.85 8.27 23.04
CA VAL A 83 -10.72 7.60 21.75
C VAL A 83 -9.24 7.39 21.47
N ILE A 84 -8.87 6.16 21.11
CA ILE A 84 -7.48 5.82 20.83
C ILE A 84 -7.36 5.31 19.40
N GLY A 85 -7.87 6.09 18.44
CA GLY A 85 -7.73 5.76 17.03
C GLY A 85 -8.92 5.02 16.45
N ASN A 86 -9.22 5.30 15.18
CA ASN A 86 -10.36 4.67 14.50
C ASN A 86 -9.92 4.08 13.16
N GLY A 87 -10.78 4.19 12.16
CA GLY A 87 -10.43 3.74 10.82
C GLY A 87 -11.13 2.49 10.37
N SER A 88 -11.81 2.59 9.23
CA SER A 88 -12.45 1.45 8.57
C SER A 88 -13.49 0.77 9.45
N PHE A 89 -13.02 -0.14 10.31
CA PHE A 89 -13.95 -0.96 11.10
C PHE A 89 -14.78 -0.12 12.05
N GLY A 90 -14.18 0.90 12.65
CA GLY A 90 -14.88 1.72 13.62
C GLY A 90 -13.88 2.39 14.54
N VAL A 91 -14.39 2.83 15.69
CA VAL A 91 -13.60 3.57 16.67
C VAL A 91 -13.18 2.61 17.79
N VAL A 92 -11.93 2.71 18.20
CA VAL A 92 -11.41 1.98 19.35
C VAL A 92 -11.25 2.97 20.50
N TYR A 93 -11.95 2.72 21.61
CA TYR A 93 -11.86 3.57 22.78
C TYR A 93 -10.93 2.96 23.83
N GLN A 94 -10.55 3.79 24.80
CA GLN A 94 -9.87 3.37 26.01
C GLN A 94 -10.76 3.71 27.20
N ALA A 95 -10.85 2.78 28.15
CA ALA A 95 -11.74 2.97 29.30
C ALA A 95 -11.06 2.48 30.56
N LYS A 96 -11.46 3.07 31.70
CA LYS A 96 -10.99 2.69 33.02
C LYS A 96 -12.13 2.04 33.77
N LEU A 97 -11.93 0.80 34.22
CA LEU A 97 -12.94 0.11 35.00
C LEU A 97 -13.11 0.80 36.35
N CYS A 98 -14.36 0.86 36.82
CA CYS A 98 -14.66 1.63 38.02
C CYS A 98 -14.12 0.95 39.27
N ASP A 99 -14.20 -0.37 39.34
CA ASP A 99 -13.79 -1.10 40.53
C ASP A 99 -12.27 -1.30 40.56
N SER A 100 -11.77 -2.19 39.70
CA SER A 100 -10.37 -2.55 39.77
C SER A 100 -9.45 -1.44 39.29
N GLY A 101 -9.99 -0.42 38.63
CA GLY A 101 -9.19 0.64 38.08
C GLY A 101 -8.34 0.25 36.88
N GLU A 102 -8.51 -0.95 36.34
CA GLU A 102 -7.75 -1.37 35.18
C GLU A 102 -8.19 -0.59 33.94
N LEU A 103 -7.25 -0.39 33.03
CA LEU A 103 -7.54 0.20 31.74
C LEU A 103 -7.85 -0.89 30.73
N VAL A 104 -8.82 -0.62 29.86
CA VAL A 104 -9.26 -1.58 28.85
C VAL A 104 -9.51 -0.84 27.54
N ALA A 105 -9.62 -1.62 26.47
CA ALA A 105 -9.94 -1.09 25.15
C ALA A 105 -11.30 -1.60 24.70
N ILE A 106 -12.03 -0.75 23.99
CA ILE A 106 -13.36 -1.07 23.48
C ILE A 106 -13.37 -0.86 21.98
N LYS A 107 -13.55 -1.95 21.24
CA LYS A 107 -13.63 -1.87 19.77
C LYS A 107 -15.10 -1.80 19.38
N LYS A 108 -15.54 -0.66 18.88
CA LYS A 108 -16.94 -0.43 18.53
C LYS A 108 -17.09 -0.47 17.02
N VAL A 109 -17.67 -1.55 16.52
CA VAL A 109 -17.90 -1.73 15.08
C VAL A 109 -19.38 -1.91 14.84
N LEU A 110 -19.79 -1.66 13.60
CA LEU A 110 -21.19 -1.82 13.22
C LEU A 110 -21.50 -3.31 13.02
N GLN A 111 -22.56 -3.77 13.66
CA GLN A 111 -22.94 -5.18 13.62
C GLN A 111 -23.86 -5.43 12.43
N ASP A 112 -23.41 -6.30 11.53
CA ASP A 112 -24.25 -6.74 10.43
C ASP A 112 -25.39 -7.59 10.99
N LYS A 113 -26.63 -7.17 10.73
CA LYS A 113 -27.79 -7.91 11.22
C LYS A 113 -27.99 -9.24 10.49
N ARG A 114 -27.24 -9.49 9.42
CA ARG A 114 -27.28 -10.77 8.74
C ARG A 114 -26.56 -11.83 9.56
N PHE A 115 -25.26 -11.98 9.32
CA PHE A 115 -24.44 -12.95 10.03
C PHE A 115 -23.91 -12.36 11.33
N LYS A 116 -23.47 -13.24 12.21
CA LYS A 116 -22.78 -12.79 13.41
C LYS A 116 -21.36 -12.34 13.04
N ASN A 117 -20.81 -11.44 13.86
CA ASN A 117 -19.50 -10.88 13.56
C ASN A 117 -18.43 -11.97 13.62
N ARG A 118 -17.58 -12.00 12.58
CA ARG A 118 -16.58 -13.05 12.48
C ARG A 118 -15.47 -12.88 13.52
N GLU A 119 -15.07 -11.64 13.79
CA GLU A 119 -14.03 -11.40 14.79
C GLU A 119 -14.47 -11.87 16.17
N LEU A 120 -15.74 -11.66 16.51
CA LEU A 120 -16.24 -12.08 17.82
C LEU A 120 -16.16 -13.60 17.97
N GLN A 121 -16.50 -14.35 16.91
CA GLN A 121 -16.49 -15.80 17.00
C GLN A 121 -15.08 -16.35 17.12
N ILE A 122 -14.10 -15.71 16.46
CA ILE A 122 -12.72 -16.15 16.58
C ILE A 122 -12.14 -15.73 17.93
N MET A 123 -12.48 -14.52 18.40
CA MET A 123 -11.97 -14.05 19.68
C MET A 123 -12.45 -14.92 20.83
N ARG A 124 -13.66 -15.45 20.73
CA ARG A 124 -14.21 -16.27 21.81
C ARG A 124 -13.61 -17.67 21.85
N LYS A 125 -12.97 -18.11 20.76
CA LYS A 125 -12.34 -19.42 20.71
C LYS A 125 -10.90 -19.42 21.19
N LEU A 126 -10.28 -18.25 21.36
CA LEU A 126 -8.86 -18.14 21.60
C LEU A 126 -8.57 -17.88 23.08
N ASP A 127 -7.40 -18.33 23.53
CA ASP A 127 -6.97 -18.14 24.91
C ASP A 127 -5.48 -18.45 24.95
N HIS A 128 -4.67 -17.41 24.80
CA HIS A 128 -3.23 -17.56 24.75
C HIS A 128 -2.59 -16.34 25.40
N CYS A 129 -1.47 -16.57 26.07
CA CYS A 129 -0.84 -15.49 26.84
C CYS A 129 -0.28 -14.40 25.94
N ASN A 130 0.04 -14.73 24.69
CA ASN A 130 0.58 -13.77 23.73
C ASN A 130 -0.50 -13.27 22.76
N ILE A 131 -1.78 -13.38 23.16
CA ILE A 131 -2.89 -12.85 22.38
C ILE A 131 -3.71 -11.96 23.30
N VAL A 132 -4.14 -10.81 22.78
CA VAL A 132 -4.98 -9.91 23.57
C VAL A 132 -6.25 -10.64 23.97
N ARG A 133 -6.66 -10.47 25.22
CA ARG A 133 -7.79 -11.21 25.77
C ARG A 133 -9.07 -10.43 25.58
N LEU A 134 -10.13 -11.15 25.24
CA LEU A 134 -11.47 -10.56 25.14
C LEU A 134 -12.15 -10.75 26.50
N ARG A 135 -12.19 -9.67 27.29
CA ARG A 135 -12.80 -9.75 28.62
C ARG A 135 -14.32 -9.91 28.51
N TYR A 136 -14.99 -8.93 27.92
CA TYR A 136 -16.42 -8.96 27.73
C TYR A 136 -16.76 -8.45 26.34
N PHE A 137 -18.02 -8.59 25.96
CA PHE A 137 -18.53 -8.00 24.72
C PHE A 137 -20.02 -7.74 24.89
N PHE A 138 -20.46 -6.58 24.40
CA PHE A 138 -21.86 -6.20 24.51
C PHE A 138 -22.25 -5.42 23.26
N TYR A 139 -23.56 -5.38 23.00
CA TYR A 139 -24.11 -4.63 21.89
C TYR A 139 -24.75 -3.35 22.39
N SER A 140 -24.71 -2.32 21.55
CA SER A 140 -25.28 -1.03 21.88
C SER A 140 -25.51 -0.26 20.59
N SER A 141 -25.93 1.00 20.73
CA SER A 141 -26.22 1.84 19.58
C SER A 141 -25.49 3.17 19.74
N GLY A 142 -25.96 4.19 19.01
CA GLY A 142 -25.41 5.54 19.19
C GLY A 142 -26.57 6.43 19.56
N GLU A 143 -27.23 7.05 18.58
CA GLU A 143 -28.48 7.79 18.86
C GLU A 143 -29.59 7.04 18.14
N LYS A 144 -29.99 7.54 16.96
CA LYS A 144 -30.95 6.78 16.17
C LYS A 144 -30.26 5.74 15.31
N LYS A 145 -29.97 6.09 14.05
CA LYS A 145 -29.29 5.21 13.10
C LYS A 145 -30.09 3.94 12.78
N ASP A 146 -30.76 3.38 13.78
CA ASP A 146 -31.42 2.07 13.67
C ASP A 146 -30.41 0.97 13.31
N GLU A 147 -29.15 1.19 13.68
CA GLU A 147 -28.08 0.23 13.44
C GLU A 147 -27.50 -0.22 14.77
N VAL A 148 -27.05 -1.47 14.82
CA VAL A 148 -26.55 -2.09 16.04
C VAL A 148 -25.03 -2.06 16.01
N TYR A 149 -24.42 -1.60 17.10
CA TYR A 149 -22.97 -1.60 17.25
C TYR A 149 -22.53 -2.72 18.18
N LEU A 150 -21.41 -3.35 17.85
CA LEU A 150 -20.83 -4.41 18.65
C LEU A 150 -19.59 -3.87 19.34
N ASN A 151 -19.55 -3.98 20.67
CA ASN A 151 -18.44 -3.48 21.47
C ASN A 151 -17.60 -4.65 21.94
N LEU A 152 -16.28 -4.53 21.77
CA LEU A 152 -15.33 -5.58 22.14
C LEU A 152 -14.42 -5.03 23.24
N VAL A 153 -14.64 -5.48 24.48
CA VAL A 153 -13.84 -5.07 25.61
C VAL A 153 -12.62 -5.98 25.68
N LEU A 154 -11.44 -5.41 25.44
CA LEU A 154 -10.20 -6.18 25.40
C LEU A 154 -9.18 -5.55 26.33
N ASP A 155 -8.08 -6.27 26.53
CA ASP A 155 -7.00 -5.79 27.39
C ASP A 155 -6.34 -4.57 26.78
N TYR A 156 -6.01 -3.59 27.64
CA TYR A 156 -5.24 -2.45 27.20
C TYR A 156 -3.76 -2.73 27.40
N VAL A 157 -2.96 -2.42 26.38
CA VAL A 157 -1.51 -2.56 26.44
C VAL A 157 -0.91 -1.23 26.00
N PRO A 158 0.02 -0.65 26.77
CA PRO A 158 0.37 0.76 26.53
C PRO A 158 1.09 1.02 25.21
N GLU A 159 1.98 0.13 24.79
CA GLU A 159 2.83 0.40 23.63
C GLU A 159 2.65 -0.67 22.57
N THR A 160 3.02 -0.30 21.34
CA THR A 160 2.97 -1.19 20.19
C THR A 160 4.37 -1.38 19.62
N VAL A 161 4.54 -2.47 18.87
CA VAL A 161 5.82 -2.72 18.20
C VAL A 161 6.12 -1.61 17.21
N TYR A 162 5.08 -1.11 16.53
CA TYR A 162 5.29 -0.05 15.54
C TYR A 162 5.79 1.23 16.21
N ARG A 163 5.27 1.55 17.40
CA ARG A 163 5.69 2.77 18.08
C ARG A 163 7.07 2.61 18.72
N VAL A 164 7.42 1.40 19.17
CA VAL A 164 8.75 1.17 19.72
C VAL A 164 9.80 1.25 18.63
N ALA A 165 9.55 0.57 17.50
CA ALA A 165 10.53 0.55 16.41
C ALA A 165 10.74 1.94 15.81
N ARG A 166 9.74 2.82 15.91
CA ARG A 166 9.89 4.17 15.37
C ARG A 166 10.78 5.02 16.27
N HIS A 167 10.51 5.02 17.59
CA HIS A 167 11.32 5.78 18.53
C HIS A 167 12.81 5.48 18.34
N TYR A 168 13.15 4.21 18.11
CA TYR A 168 14.55 3.87 17.85
C TYR A 168 14.96 4.33 16.44
N SER A 169 14.08 4.16 15.46
CA SER A 169 14.42 4.56 14.09
C SER A 169 14.60 6.07 13.98
N ARG A 170 13.80 6.84 14.71
CA ARG A 170 13.87 8.29 14.64
C ARG A 170 15.13 8.83 15.30
N ALA A 171 15.72 8.06 16.22
CA ALA A 171 16.95 8.46 16.89
C ALA A 171 18.19 7.81 16.28
N LYS A 172 18.05 7.21 15.09
CA LYS A 172 19.15 6.58 14.37
C LYS A 172 19.83 5.51 15.23
N GLN A 173 19.02 4.56 15.68
CA GLN A 173 19.46 3.48 16.55
C GLN A 173 18.55 2.29 16.33
N THR A 174 18.97 1.14 16.85
CA THR A 174 18.23 -0.10 16.69
C THR A 174 17.81 -0.66 18.03
N LEU A 175 16.70 -1.38 18.04
CA LEU A 175 16.22 -2.02 19.25
C LEU A 175 17.23 -3.09 19.69
N PRO A 176 17.54 -3.18 20.99
CA PRO A 176 18.45 -4.22 21.46
C PRO A 176 17.96 -5.61 21.03
N VAL A 177 18.92 -6.45 20.63
CA VAL A 177 18.59 -7.76 20.06
C VAL A 177 17.83 -8.62 21.06
N ILE A 178 18.12 -8.46 22.36
CA ILE A 178 17.41 -9.24 23.37
C ILE A 178 15.91 -8.96 23.32
N TYR A 179 15.53 -7.72 23.01
CA TYR A 179 14.12 -7.40 22.82
C TYR A 179 13.61 -7.88 21.47
N VAL A 180 14.49 -7.94 20.45
CA VAL A 180 14.07 -8.48 19.17
C VAL A 180 13.80 -9.98 19.27
N LYS A 181 14.61 -10.69 20.05
CA LYS A 181 14.37 -12.10 20.28
C LYS A 181 13.05 -12.33 21.02
N LEU A 182 12.80 -11.53 22.06
CA LEU A 182 11.63 -11.73 22.89
C LEU A 182 10.34 -11.44 22.12
N TYR A 183 10.30 -10.35 21.36
CA TYR A 183 9.08 -9.98 20.67
C TYR A 183 8.77 -10.94 19.51
N MET A 184 9.80 -11.35 18.77
CA MET A 184 9.59 -12.27 17.66
C MET A 184 9.16 -13.64 18.16
N TYR A 185 9.77 -14.12 19.25
CA TYR A 185 9.41 -15.42 19.79
C TYR A 185 7.95 -15.45 20.25
N GLN A 186 7.52 -14.39 20.94
CA GLN A 186 6.14 -14.36 21.43
C GLN A 186 5.14 -14.25 20.28
N LEU A 187 5.51 -13.55 19.20
CA LEU A 187 4.64 -13.52 18.02
C LEU A 187 4.59 -14.89 17.36
N PHE A 188 5.73 -15.58 17.27
CA PHE A 188 5.75 -16.92 16.69
C PHE A 188 4.99 -17.91 17.56
N ARG A 189 4.96 -17.68 18.87
CA ARG A 189 4.15 -18.53 19.74
C ARG A 189 2.67 -18.32 19.50
N SER A 190 2.23 -17.06 19.36
CA SER A 190 0.82 -16.78 19.09
C SER A 190 0.41 -17.27 17.71
N LEU A 191 1.32 -17.20 16.72
CA LEU A 191 0.99 -17.68 15.39
C LEU A 191 0.82 -19.19 15.39
N ALA A 192 1.63 -19.92 16.16
CA ALA A 192 1.48 -21.36 16.24
C ALA A 192 0.18 -21.77 16.93
N TYR A 193 -0.34 -20.90 17.81
CA TYR A 193 -1.57 -21.22 18.52
C TYR A 193 -2.78 -21.09 17.59
N ILE A 194 -2.88 -19.96 16.88
CA ILE A 194 -4.03 -19.75 16.01
C ILE A 194 -3.94 -20.63 14.77
N HIS A 195 -2.73 -21.03 14.35
CA HIS A 195 -2.61 -21.92 13.22
C HIS A 195 -3.03 -23.35 13.58
N SER A 196 -2.92 -23.71 14.86
CA SER A 196 -3.40 -25.02 15.30
C SER A 196 -4.91 -25.15 15.15
N PHE A 197 -5.63 -24.03 15.09
CA PHE A 197 -7.06 -24.02 14.79
C PHE A 197 -7.34 -23.74 13.32
N GLY A 198 -6.31 -23.69 12.49
CA GLY A 198 -6.47 -23.33 11.09
C GLY A 198 -6.75 -21.86 10.85
N ILE A 199 -6.72 -21.03 11.87
CA ILE A 199 -7.05 -19.61 11.75
C ILE A 199 -5.79 -18.86 11.36
N CYS A 200 -5.86 -18.15 10.23
CA CYS A 200 -4.78 -17.30 9.76
C CYS A 200 -5.11 -15.85 10.05
N HIS A 201 -4.12 -15.11 10.58
CA HIS A 201 -4.37 -13.73 10.99
C HIS A 201 -4.57 -12.82 9.79
N ARG A 202 -3.80 -13.02 8.73
CA ARG A 202 -3.94 -12.30 7.46
C ARG A 202 -3.67 -10.80 7.61
N ASP A 203 -3.00 -10.36 8.67
CA ASP A 203 -2.71 -8.95 8.86
C ASP A 203 -1.64 -8.73 9.93
N ILE A 204 -0.51 -9.40 9.80
CA ILE A 204 0.59 -9.26 10.75
C ILE A 204 1.41 -8.04 10.36
N LYS A 205 1.38 -7.01 11.21
CA LYS A 205 2.18 -5.82 11.01
C LYS A 205 2.59 -5.29 12.37
N PRO A 206 3.67 -4.52 12.45
CA PRO A 206 4.10 -3.98 13.76
C PRO A 206 3.01 -3.20 14.49
N GLN A 207 2.03 -2.66 13.77
CA GLN A 207 0.93 -1.96 14.44
C GLN A 207 0.08 -2.92 15.28
N ASN A 208 -0.04 -4.18 14.84
CA ASN A 208 -0.92 -5.15 15.48
C ASN A 208 -0.22 -5.94 16.58
N LEU A 209 1.00 -5.60 16.94
CA LEU A 209 1.75 -6.26 17.99
C LEU A 209 1.92 -5.29 19.15
N LEU A 210 1.22 -5.54 20.24
CA LEU A 210 1.23 -4.67 21.41
C LEU A 210 2.33 -5.08 22.37
N LEU A 211 2.88 -4.10 23.10
CA LEU A 211 4.01 -4.35 23.99
C LEU A 211 3.79 -3.68 25.33
N ASP A 212 4.00 -4.45 26.40
CA ASP A 212 4.17 -3.89 27.74
C ASP A 212 5.66 -3.67 27.94
N PRO A 213 6.15 -2.42 27.96
CA PRO A 213 7.59 -2.20 28.06
C PRO A 213 8.21 -2.68 29.36
N ASP A 214 7.43 -2.79 30.43
CA ASP A 214 7.97 -3.27 31.69
C ASP A 214 8.22 -4.78 31.65
N THR A 215 7.22 -5.55 31.23
CA THR A 215 7.30 -7.00 31.23
C THR A 215 7.75 -7.58 29.89
N ALA A 216 7.88 -6.74 28.85
CA ALA A 216 8.27 -7.19 27.51
C ALA A 216 7.31 -8.24 26.96
N VAL A 217 6.06 -8.20 27.39
CA VAL A 217 5.03 -9.13 26.93
C VAL A 217 4.42 -8.59 25.63
N LEU A 218 4.36 -9.43 24.62
CA LEU A 218 3.77 -9.07 23.33
C LEU A 218 2.46 -9.82 23.15
N LYS A 219 1.42 -9.08 22.75
CA LYS A 219 0.09 -9.65 22.55
C LYS A 219 -0.39 -9.29 21.15
N LEU A 220 -0.61 -10.31 20.32
CA LEU A 220 -1.14 -10.10 18.98
C LEU A 220 -2.60 -9.65 19.08
N CYS A 221 -2.95 -8.63 18.30
CA CYS A 221 -4.29 -8.06 18.35
C CYS A 221 -4.79 -7.83 16.93
N ASP A 222 -5.99 -7.26 16.84
CA ASP A 222 -6.67 -7.01 15.57
C ASP A 222 -6.87 -8.30 14.77
N PHE A 223 -8.04 -8.93 14.93
CA PHE A 223 -8.38 -10.13 14.18
C PHE A 223 -9.50 -9.87 13.17
N GLY A 224 -9.70 -8.61 12.78
CA GLY A 224 -10.71 -8.27 11.79
C GLY A 224 -10.43 -8.80 10.40
N SER A 225 -9.20 -9.28 10.14
CA SER A 225 -8.86 -9.90 8.88
C SER A 225 -8.62 -11.40 9.00
N ALA A 226 -8.76 -11.95 10.21
CA ALA A 226 -8.52 -13.37 10.43
C ALA A 226 -9.68 -14.21 9.92
N LYS A 227 -9.37 -15.43 9.51
CA LYS A 227 -10.37 -16.33 8.96
C LYS A 227 -9.79 -17.75 8.93
N GLN A 228 -10.63 -18.73 9.24
CA GLN A 228 -10.23 -20.12 9.14
C GLN A 228 -10.01 -20.50 7.69
N LEU A 229 -8.85 -21.08 7.40
CA LEU A 229 -8.47 -21.47 6.03
C LEU A 229 -8.67 -22.97 5.87
N VAL A 230 -9.66 -23.35 5.06
CA VAL A 230 -9.93 -24.73 4.73
C VAL A 230 -9.37 -25.01 3.33
N ARG A 231 -8.67 -26.13 3.19
CA ARG A 231 -8.12 -26.49 1.90
C ARG A 231 -9.24 -26.68 0.88
N GLY A 232 -9.02 -26.17 -0.33
CA GLY A 232 -10.02 -26.19 -1.37
C GLY A 232 -10.89 -24.95 -1.44
N GLU A 233 -11.02 -24.22 -0.33
CA GLU A 233 -11.81 -22.99 -0.37
C GLU A 233 -10.93 -21.81 -0.79
N PRO A 234 -11.45 -20.93 -1.63
CA PRO A 234 -10.69 -19.73 -2.01
C PRO A 234 -10.90 -18.60 -1.02
N ASN A 235 -9.90 -17.72 -0.95
CA ASN A 235 -9.93 -16.57 -0.05
C ASN A 235 -9.47 -15.33 -0.81
N VAL A 236 -9.88 -14.17 -0.30
CA VAL A 236 -9.56 -12.91 -0.97
C VAL A 236 -8.06 -12.67 -0.98
N SER A 237 -7.58 -12.05 -2.06
CA SER A 237 -6.16 -11.79 -2.25
C SER A 237 -5.79 -10.34 -1.96
N TYR A 238 -6.68 -9.58 -1.31
CA TYR A 238 -6.42 -8.17 -1.01
C TYR A 238 -6.33 -7.91 0.50
N ILE A 239 -6.12 -8.95 1.30
CA ILE A 239 -5.91 -8.78 2.72
C ILE A 239 -4.45 -8.43 2.99
N CYS A 240 -4.11 -8.23 4.26
CA CYS A 240 -2.75 -7.91 4.71
C CYS A 240 -2.29 -6.54 4.25
N SER A 241 -1.68 -5.78 5.16
CA SER A 241 -1.19 -4.45 4.83
C SER A 241 0.01 -4.55 3.88
N ARG A 242 0.39 -3.41 3.32
CA ARG A 242 1.52 -3.38 2.38
C ARG A 242 2.82 -3.72 3.12
N TYR A 243 3.91 -3.82 2.36
CA TYR A 243 5.23 -4.16 2.87
C TYR A 243 5.29 -5.59 3.37
N TYR A 244 4.26 -6.01 4.11
CA TYR A 244 4.23 -7.32 4.76
C TYR A 244 3.38 -8.33 4.02
N ARG A 245 2.91 -8.01 2.83
CA ARG A 245 2.18 -8.97 2.02
C ARG A 245 3.13 -10.02 1.44
N ALA A 246 2.69 -11.28 1.46
CA ALA A 246 3.47 -12.35 0.88
C ALA A 246 3.45 -12.25 -0.64
N PRO A 247 4.47 -12.78 -1.31
CA PRO A 247 4.49 -12.73 -2.78
C PRO A 247 3.28 -13.38 -3.42
N GLU A 248 2.80 -14.49 -2.87
CA GLU A 248 1.59 -15.12 -3.39
C GLU A 248 0.37 -14.23 -3.21
N LEU A 249 0.39 -13.30 -2.26
CA LEU A 249 -0.70 -12.34 -2.12
C LEU A 249 -0.59 -11.23 -3.16
N ILE A 250 0.64 -10.79 -3.46
CA ILE A 250 0.84 -9.79 -4.51
C ILE A 250 0.42 -10.35 -5.86
N PHE A 251 0.71 -11.63 -6.11
CA PHE A 251 0.31 -12.28 -7.34
C PHE A 251 -1.18 -12.60 -7.40
N GLY A 252 -1.94 -12.23 -6.38
CA GLY A 252 -3.38 -12.37 -6.44
C GLY A 252 -3.89 -13.79 -6.29
N ALA A 253 -3.13 -14.66 -5.63
CA ALA A 253 -3.56 -16.05 -5.46
C ALA A 253 -4.69 -16.14 -4.44
N THR A 254 -5.55 -17.13 -4.63
CA THR A 254 -6.66 -17.39 -3.73
C THR A 254 -6.55 -18.76 -3.06
N ASP A 255 -5.45 -19.47 -3.28
CA ASP A 255 -5.23 -20.79 -2.68
C ASP A 255 -4.09 -20.77 -1.67
N TYR A 256 -3.87 -19.62 -1.03
CA TYR A 256 -2.77 -19.49 -0.10
C TYR A 256 -3.10 -20.17 1.23
N THR A 257 -2.05 -20.48 1.99
CA THR A 257 -2.15 -21.16 3.26
C THR A 257 -1.92 -20.18 4.39
N SER A 258 -1.68 -20.71 5.60
CA SER A 258 -1.33 -19.88 6.75
C SER A 258 0.11 -19.42 6.71
N SER A 259 0.88 -19.83 5.71
CA SER A 259 2.28 -19.41 5.58
C SER A 259 2.43 -17.93 5.25
N ILE A 260 1.35 -17.26 4.85
CA ILE A 260 1.42 -15.82 4.61
C ILE A 260 1.70 -15.07 5.91
N ASP A 261 1.26 -15.63 7.04
CA ASP A 261 1.61 -15.04 8.34
C ASP A 261 3.10 -15.18 8.62
N VAL A 262 3.72 -16.28 8.18
CA VAL A 262 5.15 -16.48 8.41
C VAL A 262 5.96 -15.47 7.62
N TRP A 263 5.56 -15.19 6.38
CA TRP A 263 6.24 -14.16 5.61
C TRP A 263 6.11 -12.79 6.27
N SER A 264 4.91 -12.45 6.75
CA SER A 264 4.72 -11.17 7.42
C SER A 264 5.53 -11.11 8.71
N ALA A 265 5.63 -12.22 9.43
CA ALA A 265 6.47 -12.24 10.64
C ALA A 265 7.93 -12.04 10.28
N GLY A 266 8.38 -12.64 9.18
CA GLY A 266 9.75 -12.41 8.72
C GLY A 266 9.97 -10.98 8.28
N CYS A 267 8.93 -10.34 7.75
CA CYS A 267 9.03 -8.93 7.39
C CYS A 267 9.11 -8.04 8.63
N VAL A 268 8.56 -8.50 9.75
CA VAL A 268 8.68 -7.75 11.00
C VAL A 268 10.08 -7.91 11.59
N LEU A 269 10.61 -9.13 11.59
CA LEU A 269 11.94 -9.36 12.13
C LEU A 269 12.99 -8.61 11.33
N ALA A 270 12.88 -8.64 9.98
CA ALA A 270 13.84 -7.93 9.15
C ALA A 270 13.75 -6.43 9.35
N GLU A 271 12.55 -5.91 9.62
CA GLU A 271 12.41 -4.47 9.84
C GLU A 271 13.05 -4.04 11.16
N LEU A 272 12.86 -4.83 12.22
CA LEU A 272 13.47 -4.51 13.50
C LEU A 272 14.99 -4.61 13.44
N LEU A 273 15.53 -5.42 12.51
CA LEU A 273 16.97 -5.52 12.36
C LEU A 273 17.52 -4.41 11.47
N LEU A 274 16.77 -4.03 10.43
CA LEU A 274 17.20 -2.99 9.51
C LEU A 274 16.82 -1.59 9.96
N GLY A 275 15.88 -1.45 10.90
CA GLY A 275 15.37 -0.15 11.27
C GLY A 275 14.37 0.44 10.30
N GLN A 276 14.10 -0.23 9.17
CA GLN A 276 13.16 0.23 8.18
C GLN A 276 12.56 -0.99 7.50
N PRO A 277 11.40 -0.85 6.85
CA PRO A 277 10.83 -1.99 6.11
C PRO A 277 11.80 -2.54 5.09
N ILE A 278 11.84 -3.87 4.99
CA ILE A 278 12.78 -4.52 4.08
C ILE A 278 12.22 -4.58 2.66
N PHE A 279 10.89 -4.61 2.51
CA PHE A 279 10.25 -4.70 1.20
C PHE A 279 9.28 -3.53 1.04
N PRO A 280 9.78 -2.31 0.89
CA PRO A 280 8.91 -1.15 0.73
C PRO A 280 8.49 -0.95 -0.73
N GLY A 281 7.45 -0.15 -0.90
CA GLY A 281 6.94 0.13 -2.22
C GLY A 281 5.50 0.61 -2.23
N ASP A 282 5.21 1.59 -3.08
CA ASP A 282 3.84 2.10 -3.19
C ASP A 282 2.95 1.21 -4.04
N SER A 283 3.51 0.57 -5.07
CA SER A 283 2.77 -0.35 -5.91
C SER A 283 3.24 -1.77 -5.67
N GLY A 284 2.40 -2.73 -6.07
CA GLY A 284 2.80 -4.13 -6.00
C GLY A 284 4.02 -4.42 -6.86
N VAL A 285 4.18 -3.69 -7.97
CA VAL A 285 5.39 -3.80 -8.76
C VAL A 285 6.60 -3.33 -7.97
N ASP A 286 6.41 -2.28 -7.16
CA ASP A 286 7.53 -1.71 -6.42
C ASP A 286 8.02 -2.66 -5.33
N GLN A 287 7.10 -3.36 -4.66
CA GLN A 287 7.51 -4.29 -3.61
C GLN A 287 8.20 -5.52 -4.19
N LEU A 288 7.70 -6.02 -5.32
CA LEU A 288 8.31 -7.19 -5.94
C LEU A 288 9.74 -6.92 -6.40
N VAL A 289 10.03 -5.69 -6.81
CA VAL A 289 11.39 -5.33 -7.18
C VAL A 289 12.32 -5.44 -5.99
N GLU A 290 11.88 -4.94 -4.83
CA GLU A 290 12.69 -5.02 -3.62
C GLU A 290 12.81 -6.44 -3.10
N ILE A 291 11.87 -7.33 -3.45
CA ILE A 291 11.98 -8.72 -3.05
C ILE A 291 13.03 -9.43 -3.90
N ILE A 292 12.99 -9.21 -5.20
CA ILE A 292 14.01 -9.77 -6.10
C ILE A 292 15.38 -9.17 -5.76
N LYS A 293 15.41 -7.94 -5.28
CA LYS A 293 16.67 -7.31 -4.89
C LYS A 293 17.40 -8.10 -3.80
N VAL A 294 16.65 -8.83 -2.98
CA VAL A 294 17.21 -9.60 -1.87
C VAL A 294 17.14 -11.09 -2.15
N LEU A 295 15.94 -11.61 -2.42
CA LEU A 295 15.74 -13.05 -2.59
C LEU A 295 16.26 -13.55 -3.94
N GLY A 296 16.33 -12.68 -4.95
CA GLY A 296 16.71 -13.09 -6.29
C GLY A 296 15.49 -13.36 -7.15
N THR A 297 15.76 -13.56 -8.44
CA THR A 297 14.69 -13.83 -9.39
C THR A 297 14.09 -15.20 -9.12
N PRO A 298 12.77 -15.30 -8.94
CA PRO A 298 12.16 -16.61 -8.67
C PRO A 298 12.16 -17.49 -9.92
N THR A 299 12.54 -18.74 -9.73
CA THR A 299 12.52 -19.69 -10.83
C THR A 299 11.09 -19.95 -11.28
N ARG A 300 10.96 -20.56 -12.47
CA ARG A 300 9.63 -20.90 -12.96
C ARG A 300 8.93 -21.90 -12.05
N GLU A 301 9.71 -22.70 -11.30
CA GLU A 301 9.11 -23.59 -10.33
C GLU A 301 8.62 -22.83 -9.10
N GLN A 302 9.42 -21.87 -8.62
CA GLN A 302 8.98 -21.04 -7.50
C GLN A 302 7.78 -20.18 -7.88
N ILE A 303 7.71 -19.76 -9.14
CA ILE A 303 6.54 -19.01 -9.61
C ILE A 303 5.30 -19.89 -9.58
N ARG A 304 5.43 -21.14 -10.03
CA ARG A 304 4.30 -22.06 -10.03
C ARG A 304 3.83 -22.36 -8.62
N GLU A 305 4.74 -22.40 -7.64
CA GLU A 305 4.35 -22.73 -6.28
C GLU A 305 3.63 -21.59 -5.59
N MET A 306 3.95 -20.34 -5.94
CA MET A 306 3.27 -19.19 -5.36
C MET A 306 1.87 -19.06 -5.94
N ASN A 307 1.77 -18.46 -7.13
CA ASN A 307 0.50 -18.38 -7.84
C ASN A 307 0.58 -19.26 -9.09
N PRO A 308 -0.03 -20.45 -9.07
CA PRO A 308 0.01 -21.31 -10.26
C PRO A 308 -0.64 -20.70 -11.49
N ASN A 309 -1.43 -19.63 -11.33
CA ASN A 309 -2.06 -18.99 -12.48
C ASN A 309 -1.03 -18.39 -13.43
N TYR A 310 0.15 -18.06 -12.92
CA TYR A 310 1.22 -17.46 -13.71
C TYR A 310 0.67 -16.19 -14.35
N THR A 311 0.74 -15.07 -13.64
CA THR A 311 0.08 -13.83 -14.03
C THR A 311 0.69 -13.24 -15.30
N GLU A 312 1.67 -13.93 -15.89
CA GLU A 312 2.31 -13.53 -17.13
C GLU A 312 2.99 -12.17 -17.00
N PHE A 313 4.10 -12.17 -16.27
CA PHE A 313 4.97 -11.02 -16.17
C PHE A 313 6.41 -11.47 -16.23
N LYS A 314 7.22 -10.74 -16.99
CA LYS A 314 8.64 -11.03 -17.14
C LYS A 314 9.43 -10.03 -16.31
N PHE A 315 10.24 -10.54 -15.39
CA PHE A 315 11.00 -9.73 -14.45
C PHE A 315 12.43 -9.55 -14.92
N PRO A 316 13.13 -8.54 -14.40
CA PRO A 316 14.57 -8.46 -14.66
C PRO A 316 15.33 -9.50 -13.84
N GLN A 317 16.35 -10.08 -14.47
CA GLN A 317 17.14 -11.13 -13.82
C GLN A 317 18.20 -10.52 -12.92
N ILE A 318 18.12 -10.81 -11.63
CA ILE A 318 19.10 -10.34 -10.64
C ILE A 318 19.45 -11.51 -9.73
N LYS A 319 20.74 -11.69 -9.47
CA LYS A 319 21.19 -12.79 -8.64
C LYS A 319 20.78 -12.58 -7.18
N ALA A 320 21.10 -13.56 -6.34
CA ALA A 320 20.71 -13.54 -4.95
C ALA A 320 21.65 -12.64 -4.15
N HIS A 321 21.11 -11.57 -3.59
CA HIS A 321 21.86 -10.71 -2.69
C HIS A 321 22.29 -11.51 -1.46
N PRO A 322 23.59 -11.64 -1.20
CA PRO A 322 24.03 -12.36 0.01
C PRO A 322 23.43 -11.74 1.26
N TRP A 323 22.51 -12.47 1.90
CA TRP A 323 21.71 -12.01 3.03
C TRP A 323 22.52 -11.23 4.07
N THR A 324 23.80 -11.59 4.24
CA THR A 324 24.64 -10.88 5.20
C THR A 324 24.88 -9.45 4.78
N LYS A 325 24.97 -9.18 3.47
CA LYS A 325 25.19 -7.82 2.99
C LYS A 325 23.96 -6.94 3.15
N VAL A 326 22.80 -7.52 3.48
CA VAL A 326 21.58 -6.73 3.62
C VAL A 326 21.58 -5.97 4.95
N PHE A 327 22.04 -6.62 6.02
CA PHE A 327 21.92 -6.08 7.36
C PHE A 327 23.22 -5.40 7.79
N ARG A 328 23.23 -4.88 9.02
CA ARG A 328 24.37 -4.19 9.59
C ARG A 328 25.53 -5.17 9.79
N PRO A 329 26.75 -4.65 10.00
CA PRO A 329 27.88 -5.56 10.27
C PRO A 329 27.68 -6.45 11.48
N ARG A 330 27.37 -5.88 12.64
CA ARG A 330 27.20 -6.65 13.86
C ARG A 330 25.84 -7.31 13.98
N THR A 331 25.11 -7.47 12.87
CA THR A 331 23.86 -8.21 12.92
C THR A 331 24.15 -9.67 13.19
N PRO A 332 23.50 -10.29 14.18
CA PRO A 332 23.80 -11.69 14.52
C PRO A 332 23.60 -12.60 13.33
N PRO A 333 24.50 -13.56 13.12
CA PRO A 333 24.34 -14.47 11.98
C PRO A 333 23.09 -15.34 12.06
N GLU A 334 22.70 -15.75 13.26
CA GLU A 334 21.51 -16.58 13.40
C GLU A 334 20.25 -15.81 13.05
N ALA A 335 20.23 -14.50 13.31
CA ALA A 335 19.08 -13.69 12.92
C ALA A 335 18.98 -13.58 11.40
N ILE A 336 20.13 -13.48 10.71
CA ILE A 336 20.13 -13.45 9.25
C ILE A 336 19.66 -14.78 8.69
N ALA A 337 20.02 -15.88 9.36
CA ALA A 337 19.59 -17.20 8.90
C ALA A 337 18.08 -17.38 9.08
N LEU A 338 17.53 -16.84 10.17
CA LEU A 338 16.09 -16.97 10.40
C LEU A 338 15.29 -16.20 9.34
N CYS A 339 15.77 -15.01 8.97
CA CYS A 339 15.07 -14.21 7.96
C CYS A 339 14.99 -14.94 6.63
N SER A 340 16.10 -15.57 6.21
CA SER A 340 16.11 -16.29 4.95
C SER A 340 15.21 -17.52 4.99
N ARG A 341 15.06 -18.15 6.16
CA ARG A 341 14.19 -19.30 6.28
C ARG A 341 12.72 -18.92 6.38
N LEU A 342 12.42 -17.66 6.67
CA LEU A 342 11.04 -17.17 6.71
C LEU A 342 10.63 -16.46 5.44
N LEU A 343 11.57 -15.78 4.76
CA LEU A 343 11.28 -15.04 3.54
C LEU A 343 11.72 -15.90 2.35
N GLU A 344 10.90 -16.90 2.04
CA GLU A 344 11.11 -17.77 0.90
C GLU A 344 9.95 -17.63 -0.07
N TYR A 345 10.27 -17.75 -1.37
CA TYR A 345 9.22 -17.69 -2.39
C TYR A 345 8.24 -18.84 -2.24
N THR A 346 8.74 -20.08 -2.26
CA THR A 346 7.92 -21.26 -2.09
C THR A 346 7.25 -21.23 -0.72
N PRO A 347 5.92 -21.13 -0.66
CA PRO A 347 5.25 -21.01 0.65
C PRO A 347 5.45 -22.23 1.54
N THR A 348 5.50 -23.43 0.96
CA THR A 348 5.70 -24.63 1.75
C THR A 348 7.13 -24.74 2.28
N ALA A 349 8.06 -23.96 1.72
CA ALA A 349 9.45 -24.02 2.16
C ALA A 349 9.71 -23.18 3.40
N ARG A 350 8.81 -22.26 3.74
CA ARG A 350 9.00 -21.44 4.93
C ARG A 350 8.81 -22.26 6.20
N LEU A 351 9.46 -21.83 7.27
CA LEU A 351 9.33 -22.51 8.55
C LEU A 351 7.91 -22.35 9.10
N THR A 352 7.45 -23.37 9.81
CA THR A 352 6.22 -23.25 10.58
C THR A 352 6.50 -22.41 11.83
N PRO A 353 5.46 -21.80 12.41
CA PRO A 353 5.68 -21.00 13.63
C PRO A 353 6.33 -21.77 14.75
N LEU A 354 6.05 -23.07 14.88
CA LEU A 354 6.70 -23.86 15.92
C LEU A 354 8.16 -24.12 15.59
N GLU A 355 8.47 -24.40 14.32
CA GLU A 355 9.86 -24.55 13.91
C GLU A 355 10.63 -23.24 14.05
N ALA A 356 9.94 -22.11 13.92
CA ALA A 356 10.61 -20.82 14.10
C ALA A 356 10.98 -20.60 15.55
N CYS A 357 10.14 -21.04 16.48
CA CYS A 357 10.45 -20.87 17.91
C CYS A 357 11.65 -21.70 18.32
N ALA A 358 11.83 -22.88 17.72
CA ALA A 358 12.94 -23.76 18.04
C ALA A 358 14.22 -23.39 17.31
N HIS A 359 14.23 -22.29 16.57
CA HIS A 359 15.42 -21.88 15.83
C HIS A 359 16.54 -21.48 16.79
N SER A 360 17.77 -21.58 16.30
CA SER A 360 18.94 -21.26 17.11
C SER A 360 19.01 -19.77 17.46
N PHE A 361 18.24 -18.93 16.76
CA PHE A 361 18.22 -17.51 17.08
C PHE A 361 17.61 -17.24 18.44
N PHE A 362 16.72 -18.12 18.90
CA PHE A 362 16.05 -17.96 20.19
C PHE A 362 16.71 -18.80 21.29
N ASP A 363 17.95 -19.23 21.09
CA ASP A 363 18.63 -20.03 22.10
C ASP A 363 18.91 -19.24 23.36
N GLU A 364 19.14 -17.93 23.22
CA GLU A 364 19.42 -17.10 24.40
C GLU A 364 18.20 -16.98 25.29
N LEU A 365 17.00 -16.90 24.71
CA LEU A 365 15.78 -16.88 25.50
C LEU A 365 15.58 -18.16 26.29
N ARG A 366 16.30 -19.23 25.92
CA ARG A 366 16.25 -20.50 26.63
C ARG A 366 17.38 -20.67 27.63
N ASP A 367 18.33 -19.73 27.67
CA ASP A 367 19.36 -19.76 28.70
C ASP A 367 18.70 -19.60 30.07
N PRO A 368 19.05 -20.45 31.04
CA PRO A 368 18.37 -20.38 32.35
C PRO A 368 18.67 -19.12 33.15
N ASN A 369 19.70 -18.36 32.77
CA ASN A 369 20.05 -17.13 33.46
C ASN A 369 19.53 -15.89 32.73
N VAL A 370 18.74 -16.06 31.68
CA VAL A 370 18.31 -14.93 30.87
C VAL A 370 17.40 -14.02 31.69
N LYS A 371 17.59 -12.72 31.54
CA LYS A 371 16.81 -11.71 32.25
C LYS A 371 16.58 -10.53 31.33
N LEU A 372 15.63 -9.68 31.73
CA LEU A 372 15.49 -8.40 31.04
C LEU A 372 16.60 -7.45 31.49
N PRO A 373 16.98 -6.50 30.64
CA PRO A 373 18.02 -5.54 31.04
C PRO A 373 17.66 -4.75 32.28
N ASN A 374 16.36 -4.54 32.54
CA ASN A 374 15.91 -3.81 33.71
C ASN A 374 15.84 -4.68 34.98
N GLY A 375 16.26 -5.94 34.90
CA GLY A 375 16.38 -6.76 36.08
C GLY A 375 15.39 -7.89 36.22
N ARG A 376 14.15 -7.68 35.75
CA ARG A 376 13.11 -8.67 35.94
C ARG A 376 13.40 -9.94 35.13
N ASP A 377 12.65 -10.99 35.45
CA ASP A 377 12.72 -12.22 34.68
C ASP A 377 12.05 -12.03 33.32
N THR A 378 12.22 -13.03 32.46
CA THR A 378 11.53 -13.02 31.18
C THR A 378 10.08 -13.47 31.36
N PRO A 379 9.19 -13.06 30.47
CA PRO A 379 7.81 -13.54 30.54
C PRO A 379 7.73 -15.03 30.27
N ALA A 380 6.53 -15.57 30.41
CA ALA A 380 6.30 -17.00 30.20
C ALA A 380 6.61 -17.39 28.76
N LEU A 381 7.64 -18.20 28.56
CA LEU A 381 8.08 -18.61 27.23
C LEU A 381 7.98 -20.10 26.97
N PHE A 382 7.89 -20.93 28.00
CA PHE A 382 7.95 -22.38 27.83
C PHE A 382 6.69 -23.09 28.33
N ASN A 383 5.67 -22.35 28.75
CA ASN A 383 4.44 -22.96 29.25
C ASN A 383 3.47 -23.28 28.14
N PHE A 384 3.93 -24.05 27.15
CA PHE A 384 3.10 -24.44 26.02
C PHE A 384 1.96 -25.34 26.47
N THR A 385 1.01 -25.54 25.55
CA THR A 385 -0.07 -26.49 25.73
C THR A 385 0.01 -27.55 24.63
N THR A 386 -0.71 -28.66 24.84
CA THR A 386 -0.76 -29.68 23.80
C THR A 386 -1.42 -29.16 22.53
N GLN A 387 -2.35 -28.21 22.67
CA GLN A 387 -2.88 -27.51 21.51
C GLN A 387 -1.77 -26.77 20.75
N GLU A 388 -0.73 -26.35 21.46
CA GLU A 388 0.32 -25.55 20.83
C GLU A 388 1.33 -26.43 20.11
N LEU A 389 1.70 -27.57 20.68
CA LEU A 389 2.64 -28.49 20.03
C LEU A 389 2.00 -29.33 18.94
N SER A 390 0.67 -29.23 18.74
CA SER A 390 -0.03 -30.15 17.85
C SER A 390 0.55 -30.16 16.43
N SER A 391 1.22 -29.09 16.02
CA SER A 391 1.83 -29.07 14.69
C SER A 391 3.07 -29.97 14.63
N ASN A 392 3.79 -30.10 15.74
CA ASN A 392 4.99 -30.93 15.79
C ASN A 392 5.34 -31.21 17.26
N PRO A 393 4.71 -32.20 17.88
CA PRO A 393 4.98 -32.48 19.30
C PRO A 393 6.43 -32.82 19.58
N PRO A 394 7.13 -33.55 18.70
CA PRO A 394 8.57 -33.78 18.94
C PRO A 394 9.41 -32.52 19.04
N LEU A 395 8.89 -31.37 18.60
CA LEU A 395 9.64 -30.12 18.73
C LEU A 395 9.71 -29.62 20.18
N ALA A 396 9.03 -30.30 21.11
CA ALA A 396 9.08 -29.87 22.52
C ALA A 396 10.44 -30.12 23.15
N THR A 397 11.24 -31.04 22.60
CA THR A 397 12.57 -31.28 23.15
C THR A 397 13.45 -30.04 23.03
N ILE A 398 13.32 -29.31 21.92
CA ILE A 398 14.05 -28.06 21.76
C ILE A 398 13.31 -26.89 22.40
N LEU A 399 11.97 -26.96 22.43
CA LEU A 399 11.19 -25.79 22.85
C LEU A 399 11.28 -25.56 24.35
N ILE A 400 11.18 -26.62 25.14
CA ILE A 400 11.27 -26.53 26.60
C ILE A 400 12.69 -26.93 27.00
N PRO A 401 13.50 -26.01 27.53
CA PRO A 401 14.92 -26.29 27.75
C PRO A 401 15.16 -26.96 29.09
N PRO A 402 16.32 -27.63 29.25
CA PRO A 402 16.61 -28.42 30.46
C PRO A 402 16.16 -27.84 31.79
N HIS A 403 16.23 -26.51 31.95
CA HIS A 403 15.96 -25.91 33.25
C HIS A 403 14.47 -25.79 33.55
N ALA A 404 13.61 -25.78 32.53
CA ALA A 404 12.18 -25.63 32.74
C ALA A 404 11.49 -26.94 33.10
N ARG A 405 12.22 -28.05 33.14
CA ARG A 405 11.66 -29.36 33.46
C ARG A 405 12.06 -29.83 34.85
N ILE A 406 12.30 -28.88 35.75
CA ILE A 406 12.78 -29.18 37.09
C ILE A 406 11.59 -29.24 38.04
N GLN A 407 11.47 -30.34 38.78
CA GLN A 407 10.37 -30.50 39.71
C GLN A 407 10.54 -29.59 40.93
N MET B 48 30.99 6.52 -22.84
CA MET B 48 30.85 7.96 -22.60
C MET B 48 32.20 8.61 -22.26
N LYS B 49 32.48 9.73 -22.92
CA LYS B 49 33.77 10.42 -22.76
C LYS B 49 33.59 11.53 -21.73
N VAL B 50 34.09 11.26 -20.52
CA VAL B 50 34.05 12.26 -19.44
C VAL B 50 35.17 13.25 -19.65
N SER B 51 34.88 14.52 -19.41
CA SER B 51 35.86 15.59 -19.58
C SER B 51 35.46 16.76 -18.70
N ARG B 52 36.14 17.90 -18.88
CA ARG B 52 35.84 19.13 -18.15
C ARG B 52 35.68 20.27 -19.15
N ASP B 53 35.48 21.48 -18.61
CA ASP B 53 35.55 22.70 -19.38
C ASP B 53 36.89 23.38 -19.18
N LYS B 54 36.87 24.70 -18.97
CA LYS B 54 38.06 25.44 -18.58
C LYS B 54 37.82 26.27 -17.33
N ASP B 55 36.66 26.10 -16.67
CA ASP B 55 36.36 26.77 -15.42
C ASP B 55 36.18 25.78 -14.27
N GLY B 56 36.49 24.50 -14.50
CA GLY B 56 36.34 23.49 -13.47
C GLY B 56 34.89 23.12 -13.21
N SER B 57 34.23 22.52 -14.20
CA SER B 57 32.82 22.18 -14.09
C SER B 57 32.50 20.72 -14.43
N LYS B 58 33.37 20.02 -15.15
CA LYS B 58 33.17 18.62 -15.53
C LYS B 58 31.99 18.46 -16.49
N VAL B 59 32.23 17.83 -17.64
CA VAL B 59 31.24 17.69 -18.70
C VAL B 59 31.26 16.26 -19.22
N THR B 60 30.07 15.66 -19.33
CA THR B 60 29.90 14.33 -19.90
C THR B 60 29.43 14.47 -21.34
N THR B 61 29.99 13.63 -22.22
CA THR B 61 29.64 13.64 -23.64
C THR B 61 29.40 12.20 -24.08
N VAL B 62 28.19 11.92 -24.57
CA VAL B 62 27.82 10.60 -25.05
C VAL B 62 27.35 10.72 -26.49
N VAL B 63 27.12 9.58 -27.11
CA VAL B 63 26.55 9.50 -28.46
C VAL B 63 25.18 8.85 -28.31
N ALA B 64 24.12 9.65 -28.44
CA ALA B 64 22.76 9.23 -28.12
C ALA B 64 21.85 9.33 -29.33
N THR B 65 20.89 8.40 -29.40
CA THR B 65 19.90 8.36 -30.47
C THR B 65 18.66 9.16 -30.06
N PRO B 66 18.17 10.06 -30.93
CA PRO B 66 16.94 10.80 -30.60
C PRO B 66 15.78 9.84 -30.40
N GLY B 67 14.93 10.16 -29.43
CA GLY B 67 13.78 9.32 -29.15
C GLY B 67 12.79 9.29 -30.29
N GLN B 68 12.48 10.46 -30.84
CA GLN B 68 11.55 10.57 -31.95
C GLN B 68 12.30 10.73 -33.27
N GLY B 69 11.59 10.49 -34.36
CA GLY B 69 12.16 10.59 -35.69
C GLY B 69 13.03 9.40 -36.04
N PRO B 70 13.95 9.59 -36.97
CA PRO B 70 14.81 8.49 -37.41
C PRO B 70 16.01 8.30 -36.48
N ASP B 71 16.53 7.08 -36.47
CA ASP B 71 17.69 6.72 -35.66
C ASP B 71 18.91 7.43 -36.22
N ARG B 72 19.37 8.48 -35.55
CA ARG B 72 20.54 9.24 -35.97
C ARG B 72 21.31 9.68 -34.74
N PRO B 73 22.18 8.81 -34.21
CA PRO B 73 22.93 9.14 -32.99
C PRO B 73 23.63 10.49 -33.08
N GLN B 74 23.49 11.28 -32.02
CA GLN B 74 24.02 12.62 -31.95
C GLN B 74 25.10 12.72 -30.89
N GLU B 75 25.99 13.68 -31.05
CA GLU B 75 27.01 14.00 -30.05
C GLU B 75 26.44 15.03 -29.10
N VAL B 76 25.86 14.56 -28.00
CA VAL B 76 25.26 15.43 -27.00
C VAL B 76 26.21 15.55 -25.82
N SER B 77 26.15 16.68 -25.13
CA SER B 77 27.00 16.95 -23.98
C SER B 77 26.18 17.64 -22.90
N TYR B 78 26.40 17.24 -21.65
CA TYR B 78 25.64 17.78 -20.53
C TYR B 78 26.55 17.92 -19.32
N THR B 79 26.11 18.76 -18.38
CA THR B 79 26.88 19.03 -17.16
C THR B 79 25.91 19.24 -16.01
N ASP B 80 26.47 19.48 -14.83
CA ASP B 80 25.69 19.76 -13.62
C ASP B 80 24.73 18.62 -13.30
N THR B 81 25.29 17.40 -13.23
CA THR B 81 24.49 16.21 -12.98
C THR B 81 24.22 16.07 -11.50
N LYS B 82 22.95 16.09 -11.11
CA LYS B 82 22.53 15.88 -9.74
C LYS B 82 21.50 14.76 -9.69
N VAL B 83 21.50 14.02 -8.57
CA VAL B 83 20.50 12.99 -8.35
C VAL B 83 19.24 13.64 -7.80
N ILE B 84 18.11 13.45 -8.49
CA ILE B 84 16.85 14.05 -8.12
C ILE B 84 15.83 12.98 -7.70
N GLY B 85 16.28 11.79 -7.37
CA GLY B 85 15.42 10.74 -6.87
C GLY B 85 15.79 9.39 -7.45
N ASN B 86 15.43 8.34 -6.71
CA ASN B 86 15.67 6.98 -7.16
C ASN B 86 14.57 6.08 -6.60
N GLY B 87 14.86 4.79 -6.47
CA GLY B 87 13.88 3.84 -5.95
C GLY B 87 13.48 2.91 -7.07
N SER B 88 13.53 1.60 -6.80
CA SER B 88 13.07 0.56 -7.72
C SER B 88 13.85 0.57 -9.04
N PHE B 89 13.35 1.33 -10.02
CA PHE B 89 13.89 1.24 -11.37
C PHE B 89 15.34 1.68 -11.43
N GLY B 90 15.71 2.67 -10.64
CA GLY B 90 17.05 3.24 -10.70
C GLY B 90 17.00 4.71 -10.31
N VAL B 91 18.09 5.40 -10.61
CA VAL B 91 18.27 6.80 -10.25
C VAL B 91 17.85 7.68 -11.42
N VAL B 92 17.12 8.75 -11.12
CA VAL B 92 16.78 9.77 -12.11
C VAL B 92 17.63 10.99 -11.82
N TYR B 93 18.47 11.37 -12.78
CA TYR B 93 19.34 12.53 -12.65
C TYR B 93 18.74 13.75 -13.34
N GLN B 94 19.43 14.88 -13.16
CA GLN B 94 19.11 16.14 -13.83
C GLN B 94 20.41 16.77 -14.30
N ALA B 95 20.40 17.32 -15.51
CA ALA B 95 21.62 17.87 -16.08
C ALA B 95 21.28 19.02 -17.01
N LYS B 96 22.30 19.80 -17.34
CA LYS B 96 22.19 20.96 -18.23
C LYS B 96 22.86 20.64 -19.54
N LEU B 97 22.09 20.68 -20.63
CA LEU B 97 22.67 20.49 -21.96
C LEU B 97 23.69 21.59 -22.24
N CYS B 98 24.87 21.20 -22.71
CA CYS B 98 25.98 22.13 -22.87
C CYS B 98 25.74 23.20 -23.92
N ASP B 99 24.73 23.04 -24.79
CA ASP B 99 24.46 24.02 -25.82
C ASP B 99 23.36 24.99 -25.40
N SER B 100 22.10 24.54 -25.45
CA SER B 100 20.95 25.38 -25.15
C SER B 100 20.79 25.65 -23.65
N GLY B 101 21.57 25.00 -22.80
CA GLY B 101 21.47 25.23 -21.36
C GLY B 101 20.17 24.67 -20.82
N GLU B 102 19.49 23.88 -21.64
CA GLU B 102 18.21 23.31 -21.26
C GLU B 102 18.39 22.23 -20.20
N LEU B 103 17.54 22.24 -19.19
CA LEU B 103 17.55 21.21 -18.17
C LEU B 103 16.84 19.97 -18.67
N VAL B 104 17.41 18.80 -18.35
CA VAL B 104 16.87 17.52 -18.79
C VAL B 104 16.94 16.53 -17.64
N ALA B 105 16.05 15.54 -17.69
CA ALA B 105 16.03 14.45 -16.72
C ALA B 105 16.49 13.17 -17.41
N ILE B 106 17.39 12.45 -16.75
CA ILE B 106 17.98 11.23 -17.30
C ILE B 106 17.58 10.06 -16.40
N LYS B 107 16.72 9.19 -16.92
CA LYS B 107 16.33 7.98 -16.21
C LYS B 107 17.32 6.86 -16.56
N LYS B 108 18.03 6.38 -15.55
CA LYS B 108 19.05 5.35 -15.73
C LYS B 108 18.56 4.06 -15.08
N VAL B 109 17.95 3.19 -15.88
CA VAL B 109 17.54 1.88 -15.43
C VAL B 109 18.54 0.86 -15.95
N LEU B 110 18.41 -0.39 -15.51
CA LEU B 110 19.26 -1.47 -16.00
C LEU B 110 18.55 -2.18 -17.15
N GLN B 111 19.32 -2.48 -18.20
CA GLN B 111 18.78 -3.04 -19.42
C GLN B 111 18.87 -4.56 -19.38
N ASP B 112 17.73 -5.22 -19.55
CA ASP B 112 17.70 -6.67 -19.69
C ASP B 112 18.21 -7.06 -21.07
N LYS B 113 19.28 -7.84 -21.12
CA LYS B 113 19.87 -8.22 -22.39
C LYS B 113 18.97 -9.14 -23.21
N ARG B 114 17.86 -9.62 -22.64
CA ARG B 114 16.91 -10.42 -23.39
C ARG B 114 15.96 -9.65 -24.30
N PHE B 115 15.02 -8.92 -23.69
CA PHE B 115 14.03 -8.15 -24.42
C PHE B 115 14.45 -6.69 -24.32
N LYS B 116 14.00 -5.91 -25.30
CA LYS B 116 14.20 -4.47 -25.24
C LYS B 116 13.22 -3.86 -24.23
N ASN B 117 13.61 -2.69 -23.69
CA ASN B 117 12.84 -2.08 -22.62
C ASN B 117 11.47 -1.64 -23.15
N ARG B 118 10.42 -2.07 -22.46
CA ARG B 118 9.06 -1.69 -22.86
C ARG B 118 8.85 -0.19 -22.75
N GLU B 119 9.46 0.44 -21.75
CA GLU B 119 9.29 1.88 -21.57
C GLU B 119 9.92 2.66 -22.72
N LEU B 120 11.05 2.18 -23.24
CA LEU B 120 11.71 2.88 -24.34
C LEU B 120 10.88 2.79 -25.62
N GLN B 121 10.35 1.60 -25.93
CA GLN B 121 9.56 1.44 -27.15
C GLN B 121 8.27 2.25 -27.10
N ILE B 122 7.74 2.49 -25.89
CA ILE B 122 6.54 3.30 -25.76
C ILE B 122 6.88 4.78 -25.84
N MET B 123 8.04 5.17 -25.30
CA MET B 123 8.46 6.57 -25.34
C MET B 123 8.62 7.06 -26.78
N ARG B 124 9.15 6.21 -27.66
CA ARG B 124 9.44 6.63 -29.03
C ARG B 124 8.19 6.79 -29.86
N LYS B 125 7.08 6.15 -29.48
CA LYS B 125 5.84 6.26 -30.23
C LYS B 125 5.03 7.50 -29.85
N LEU B 126 5.23 8.03 -28.64
CA LEU B 126 4.40 9.10 -28.13
C LEU B 126 4.99 10.47 -28.44
N ASP B 127 4.12 11.42 -28.77
CA ASP B 127 4.51 12.81 -28.98
C ASP B 127 3.28 13.67 -28.66
N HIS B 128 3.27 14.24 -27.46
CA HIS B 128 2.12 15.00 -27.00
C HIS B 128 2.59 16.15 -26.11
N CYS B 129 1.82 17.24 -26.12
CA CYS B 129 2.19 18.41 -25.33
C CYS B 129 1.97 18.21 -23.84
N ASN B 130 1.12 17.25 -23.45
CA ASN B 130 0.88 16.94 -22.04
C ASN B 130 1.56 15.65 -21.62
N ILE B 131 2.61 15.24 -22.33
CA ILE B 131 3.42 14.09 -21.97
C ILE B 131 4.88 14.50 -22.06
N VAL B 132 5.68 14.07 -21.08
CA VAL B 132 7.10 14.39 -21.10
C VAL B 132 7.74 13.78 -22.34
N ARG B 133 8.68 14.52 -22.93
CA ARG B 133 9.26 14.16 -24.21
C ARG B 133 10.57 13.42 -24.01
N LEU B 134 10.72 12.29 -24.69
CA LEU B 134 12.01 11.58 -24.73
C LEU B 134 12.85 12.22 -25.82
N ARG B 135 13.80 13.05 -25.42
CA ARG B 135 14.59 13.80 -26.39
C ARG B 135 15.69 12.93 -26.99
N TYR B 136 16.43 12.22 -26.14
CA TYR B 136 17.45 11.29 -26.60
C TYR B 136 17.47 10.08 -25.66
N PHE B 137 18.14 9.02 -26.10
CA PHE B 137 18.38 7.87 -25.24
C PHE B 137 19.69 7.23 -25.65
N PHE B 138 20.44 6.73 -24.66
CA PHE B 138 21.73 6.11 -24.92
C PHE B 138 22.01 5.09 -23.83
N TYR B 139 22.96 4.20 -24.12
CA TYR B 139 23.36 3.15 -23.21
C TYR B 139 24.75 3.45 -22.63
N SER B 140 24.95 3.02 -21.40
CA SER B 140 26.23 3.19 -20.72
C SER B 140 26.32 2.15 -19.60
N SER B 141 27.52 2.06 -19.02
CA SER B 141 27.81 1.12 -17.96
C SER B 141 28.08 1.89 -16.66
N GLY B 142 28.83 1.25 -15.76
CA GLY B 142 29.17 1.85 -14.46
C GLY B 142 30.16 0.92 -13.80
N GLU B 143 31.46 1.22 -13.91
CA GLU B 143 32.49 0.29 -13.42
C GLU B 143 32.55 -1.05 -14.15
N LYS B 144 32.53 -2.15 -13.41
CA LYS B 144 32.70 -3.46 -14.00
C LYS B 144 31.29 -3.94 -14.30
N LYS B 145 30.72 -4.72 -13.38
CA LYS B 145 29.33 -5.22 -13.45
C LYS B 145 29.07 -6.10 -14.67
N ASP B 146 29.61 -5.74 -15.83
CA ASP B 146 29.24 -6.32 -17.12
C ASP B 146 27.75 -6.12 -17.43
N GLU B 147 27.13 -5.16 -16.77
CA GLU B 147 25.71 -4.87 -16.92
C GLU B 147 25.53 -3.56 -17.67
N VAL B 148 24.59 -3.53 -18.59
CA VAL B 148 24.34 -2.38 -19.45
C VAL B 148 23.15 -1.61 -18.93
N TYR B 149 23.30 -0.30 -18.78
CA TYR B 149 22.22 0.59 -18.37
C TYR B 149 21.67 1.35 -19.57
N LEU B 150 20.42 1.77 -19.45
CA LEU B 150 19.75 2.57 -20.46
C LEU B 150 19.39 3.91 -19.87
N ASN B 151 19.82 4.98 -20.54
CA ASN B 151 19.60 6.36 -20.07
C ASN B 151 18.56 7.02 -20.95
N LEU B 152 17.47 7.47 -20.34
CA LEU B 152 16.37 8.14 -21.04
C LEU B 152 16.47 9.64 -20.78
N VAL B 153 16.97 10.38 -21.75
CA VAL B 153 17.05 11.84 -21.65
C VAL B 153 15.67 12.41 -21.90
N LEU B 154 15.02 12.88 -20.84
CA LEU B 154 13.67 13.41 -20.90
C LEU B 154 13.68 14.88 -20.52
N ASP B 155 12.59 15.58 -20.86
CA ASP B 155 12.45 16.98 -20.51
C ASP B 155 12.42 17.15 -18.99
N TYR B 156 12.94 18.29 -18.54
CA TYR B 156 12.90 18.63 -17.13
C TYR B 156 11.71 19.55 -16.87
N VAL B 157 10.95 19.23 -15.83
CA VAL B 157 9.81 20.03 -15.40
C VAL B 157 9.98 20.24 -13.89
N PRO B 158 9.98 21.48 -13.40
CA PRO B 158 10.47 21.70 -12.02
C PRO B 158 9.57 21.13 -10.94
N GLU B 159 8.25 21.19 -11.11
CA GLU B 159 7.33 20.79 -10.05
C GLU B 159 6.45 19.63 -10.50
N THR B 160 5.80 19.00 -9.53
CA THR B 160 4.83 17.95 -9.75
C THR B 160 3.51 18.33 -9.08
N VAL B 161 2.46 17.58 -9.43
CA VAL B 161 1.16 17.81 -8.78
C VAL B 161 1.24 17.42 -7.31
N TYR B 162 2.02 16.37 -6.99
CA TYR B 162 2.15 15.95 -5.60
C TYR B 162 2.74 17.04 -4.73
N ARG B 163 3.86 17.64 -5.15
CA ARG B 163 4.51 18.66 -4.34
C ARG B 163 3.63 19.87 -4.13
N VAL B 164 2.76 20.17 -5.11
CA VAL B 164 1.87 21.32 -4.99
C VAL B 164 0.65 20.97 -4.15
N ALA B 165 0.09 19.78 -4.35
CA ALA B 165 -1.13 19.41 -3.63
C ALA B 165 -0.82 19.11 -2.17
N ARG B 166 0.28 18.43 -1.89
CA ARG B 166 0.72 18.21 -0.51
C ARG B 166 0.93 19.51 0.24
N HIS B 167 1.16 20.62 -0.48
CA HIS B 167 1.55 21.89 0.11
C HIS B 167 0.36 22.76 0.47
N TYR B 168 -0.58 22.96 -0.47
CA TYR B 168 -1.82 23.64 -0.13
C TYR B 168 -2.49 22.98 1.06
N SER B 169 -2.46 21.65 1.12
CA SER B 169 -3.05 20.94 2.24
C SER B 169 -2.32 21.23 3.54
N ARG B 170 -1.00 21.37 3.48
CA ARG B 170 -0.24 21.69 4.70
C ARG B 170 -0.63 23.05 5.23
N ALA B 171 -0.85 24.02 4.34
CA ALA B 171 -1.33 25.34 4.73
C ALA B 171 -2.82 25.35 5.01
N LYS B 172 -3.47 24.17 4.99
CA LYS B 172 -4.87 24.02 5.35
C LYS B 172 -5.79 24.81 4.40
N GLN B 173 -5.36 24.97 3.15
CA GLN B 173 -6.10 25.65 2.11
C GLN B 173 -6.25 24.72 0.91
N THR B 174 -7.30 24.91 0.13
CA THR B 174 -7.53 24.09 -1.05
C THR B 174 -7.01 24.80 -2.31
N LEU B 175 -6.52 23.99 -3.24
CA LEU B 175 -6.07 24.51 -4.52
C LEU B 175 -7.22 25.23 -5.22
N PRO B 176 -6.99 26.42 -5.78
CA PRO B 176 -8.07 27.11 -6.50
C PRO B 176 -8.59 26.26 -7.64
N VAL B 177 -9.91 26.35 -7.86
CA VAL B 177 -10.57 25.46 -8.81
C VAL B 177 -10.01 25.66 -10.23
N ILE B 178 -9.47 26.85 -10.52
CA ILE B 178 -8.92 27.10 -11.85
C ILE B 178 -7.73 26.20 -12.12
N TYR B 179 -6.89 25.97 -11.12
CA TYR B 179 -5.78 25.04 -11.28
C TYR B 179 -6.24 23.58 -11.26
N VAL B 180 -7.32 23.29 -10.54
CA VAL B 180 -7.90 21.95 -10.59
C VAL B 180 -8.44 21.68 -11.99
N LYS B 181 -9.03 22.69 -12.63
CA LYS B 181 -9.55 22.53 -13.98
C LYS B 181 -8.41 22.37 -14.99
N LEU B 182 -7.36 23.19 -14.87
CA LEU B 182 -6.25 23.12 -15.81
C LEU B 182 -5.50 21.81 -15.70
N TYR B 183 -5.29 21.31 -14.47
CA TYR B 183 -4.49 20.11 -14.29
C TYR B 183 -5.29 18.86 -14.67
N MET B 184 -6.56 18.82 -14.30
CA MET B 184 -7.38 17.64 -14.61
C MET B 184 -7.63 17.53 -16.11
N TYR B 185 -7.84 18.66 -16.79
CA TYR B 185 -8.11 18.62 -18.22
C TYR B 185 -6.89 18.14 -19.01
N GLN B 186 -5.70 18.62 -18.64
CA GLN B 186 -4.50 18.20 -19.35
C GLN B 186 -4.17 16.73 -19.09
N LEU B 187 -4.47 16.24 -17.89
CA LEU B 187 -4.32 14.81 -17.62
C LEU B 187 -5.27 13.99 -18.47
N PHE B 188 -6.53 14.43 -18.58
CA PHE B 188 -7.50 13.71 -19.39
C PHE B 188 -7.13 13.74 -20.86
N ARG B 189 -6.53 14.84 -21.33
CA ARG B 189 -6.09 14.91 -22.72
C ARG B 189 -4.94 13.94 -22.97
N SER B 190 -4.06 13.76 -21.98
CA SER B 190 -2.95 12.82 -22.14
C SER B 190 -3.45 11.38 -22.13
N LEU B 191 -4.44 11.08 -21.29
CA LEU B 191 -4.97 9.72 -21.25
C LEU B 191 -5.75 9.40 -22.52
N ALA B 192 -6.46 10.38 -23.08
CA ALA B 192 -7.16 10.15 -24.34
C ALA B 192 -6.18 9.89 -25.47
N TYR B 193 -4.98 10.45 -25.39
CA TYR B 193 -3.95 10.20 -26.40
C TYR B 193 -3.41 8.78 -26.31
N ILE B 194 -2.95 8.39 -25.12
CA ILE B 194 -2.31 7.08 -24.98
C ILE B 194 -3.33 5.95 -25.09
N HIS B 195 -4.60 6.22 -24.76
CA HIS B 195 -5.62 5.19 -24.92
C HIS B 195 -5.98 4.98 -26.39
N SER B 196 -5.73 5.97 -27.25
CA SER B 196 -5.98 5.81 -28.67
C SER B 196 -5.03 4.79 -29.30
N PHE B 197 -3.85 4.58 -28.71
CA PHE B 197 -2.94 3.52 -29.11
C PHE B 197 -3.15 2.25 -28.31
N GLY B 198 -4.16 2.22 -27.44
CA GLY B 198 -4.38 1.06 -26.58
C GLY B 198 -3.43 0.94 -25.42
N ILE B 199 -2.59 1.95 -25.18
CA ILE B 199 -1.60 1.91 -24.12
C ILE B 199 -2.23 2.43 -22.84
N CYS B 200 -2.12 1.63 -21.77
CA CYS B 200 -2.60 2.01 -20.45
C CYS B 200 -1.42 2.39 -19.58
N HIS B 201 -1.51 3.54 -18.91
CA HIS B 201 -0.41 4.01 -18.08
C HIS B 201 -0.25 3.14 -16.84
N ARG B 202 -1.36 2.74 -16.22
CA ARG B 202 -1.39 1.78 -15.12
C ARG B 202 -0.66 2.27 -13.88
N ASP B 203 -0.46 3.59 -13.74
CA ASP B 203 0.15 4.13 -12.54
C ASP B 203 -0.06 5.63 -12.44
N ILE B 204 -1.32 6.08 -12.60
CA ILE B 204 -1.64 7.49 -12.51
C ILE B 204 -1.68 7.91 -11.05
N LYS B 205 -0.77 8.80 -10.66
CA LYS B 205 -0.76 9.38 -9.33
C LYS B 205 -0.19 10.78 -9.42
N PRO B 206 -0.47 11.64 -8.44
CA PRO B 206 0.05 13.02 -8.50
C PRO B 206 1.56 13.10 -8.61
N GLN B 207 2.30 12.10 -8.10
CA GLN B 207 3.74 12.11 -8.21
C GLN B 207 4.21 11.92 -9.66
N ASN B 208 3.34 11.45 -10.55
CA ASN B 208 3.68 11.26 -11.95
C ASN B 208 3.12 12.35 -12.84
N LEU B 209 2.57 13.41 -12.26
CA LEU B 209 2.00 14.53 -13.01
C LEU B 209 2.90 15.75 -12.81
N LEU B 210 3.79 15.99 -13.76
CA LEU B 210 4.74 17.09 -13.66
C LEU B 210 4.03 18.42 -13.92
N LEU B 211 4.59 19.49 -13.36
CA LEU B 211 3.94 20.80 -13.38
C LEU B 211 4.96 21.89 -13.63
N ASP B 212 4.72 22.69 -14.68
CA ASP B 212 5.46 23.93 -14.87
C ASP B 212 4.65 25.06 -14.25
N PRO B 213 5.06 25.63 -13.12
CA PRO B 213 4.19 26.58 -12.42
C PRO B 213 3.97 27.88 -13.18
N ASP B 214 4.92 28.28 -14.04
CA ASP B 214 4.76 29.54 -14.78
C ASP B 214 3.73 29.40 -15.88
N THR B 215 3.86 28.36 -16.71
CA THR B 215 2.99 28.16 -17.85
C THR B 215 1.76 27.32 -17.54
N ALA B 216 1.63 26.82 -16.31
CA ALA B 216 0.53 25.94 -15.90
C ALA B 216 0.45 24.68 -16.76
N VAL B 217 1.56 24.28 -17.37
CA VAL B 217 1.58 23.10 -18.24
C VAL B 217 1.73 21.86 -17.36
N LEU B 218 0.93 20.84 -17.67
CA LEU B 218 1.01 19.55 -17.01
C LEU B 218 1.53 18.51 -18.01
N LYS B 219 2.41 17.63 -17.54
CA LYS B 219 3.00 16.60 -18.39
C LYS B 219 2.99 15.27 -17.64
N LEU B 220 2.44 14.24 -18.29
CA LEU B 220 2.45 12.91 -17.71
C LEU B 220 3.80 12.25 -17.93
N CYS B 221 4.29 11.55 -16.90
CA CYS B 221 5.60 10.92 -16.93
C CYS B 221 5.51 9.55 -16.28
N ASP B 222 6.65 8.86 -16.25
CA ASP B 222 6.78 7.53 -15.67
C ASP B 222 5.86 6.52 -16.34
N PHE B 223 6.38 5.79 -17.33
CA PHE B 223 5.62 4.77 -18.04
C PHE B 223 6.18 3.37 -17.80
N GLY B 224 6.85 3.16 -16.67
CA GLY B 224 7.40 1.85 -16.35
C GLY B 224 6.35 0.78 -16.18
N SER B 225 5.11 1.17 -15.91
CA SER B 225 3.99 0.24 -15.81
C SER B 225 3.11 0.26 -17.05
N ALA B 226 3.47 1.04 -18.07
CA ALA B 226 2.65 1.14 -19.26
C ALA B 226 2.74 -0.13 -20.10
N LYS B 227 1.63 -0.47 -20.75
CA LYS B 227 1.54 -1.68 -21.55
C LYS B 227 0.31 -1.59 -22.45
N GLN B 228 0.45 -2.13 -23.66
CA GLN B 228 -0.68 -2.21 -24.57
C GLN B 228 -1.65 -3.29 -24.10
N LEU B 229 -2.89 -2.91 -23.83
CA LEU B 229 -3.92 -3.83 -23.36
C LEU B 229 -4.72 -4.31 -24.57
N VAL B 230 -4.52 -5.57 -24.94
CA VAL B 230 -5.26 -6.20 -26.03
C VAL B 230 -6.31 -7.13 -25.44
N ARG B 231 -7.48 -7.15 -26.07
CA ARG B 231 -8.58 -7.99 -25.59
C ARG B 231 -8.20 -9.46 -25.65
N GLY B 232 -8.46 -10.17 -24.56
CA GLY B 232 -8.16 -11.59 -24.49
C GLY B 232 -6.95 -11.93 -23.66
N GLU B 233 -5.84 -11.23 -23.91
CA GLU B 233 -4.62 -11.49 -23.15
C GLU B 233 -4.75 -10.89 -21.74
N PRO B 234 -4.42 -11.65 -20.70
CA PRO B 234 -4.53 -11.13 -19.34
C PRO B 234 -3.37 -10.21 -19.00
N ASN B 235 -3.53 -9.49 -17.89
CA ASN B 235 -2.53 -8.55 -17.41
C ASN B 235 -2.43 -8.66 -15.90
N VAL B 236 -1.27 -8.28 -15.37
CA VAL B 236 -1.03 -8.41 -13.94
C VAL B 236 -1.92 -7.44 -13.17
N SER B 237 -2.31 -7.86 -11.96
CA SER B 237 -3.23 -7.10 -11.14
C SER B 237 -2.54 -6.31 -10.02
N TYR B 238 -1.21 -6.36 -9.95
CA TYR B 238 -0.47 -5.68 -8.90
C TYR B 238 0.18 -4.39 -9.37
N ILE B 239 -0.26 -3.84 -10.50
CA ILE B 239 0.19 -2.53 -10.93
C ILE B 239 -0.64 -1.46 -10.23
N CYS B 240 -0.37 -0.19 -10.54
CA CYS B 240 -1.05 0.96 -9.95
C CYS B 240 -0.74 1.12 -8.46
N SER B 241 -0.47 2.34 -8.03
CA SER B 241 -0.09 2.60 -6.66
C SER B 241 -1.32 2.65 -5.75
N ARG B 242 -1.07 2.54 -4.45
CA ARG B 242 -2.15 2.63 -3.47
C ARG B 242 -2.83 3.99 -3.57
N TYR B 243 -4.04 4.07 -3.01
CA TYR B 243 -4.91 5.24 -3.00
C TYR B 243 -5.58 5.44 -4.35
N TYR B 244 -4.93 4.99 -5.43
CA TYR B 244 -5.40 5.26 -6.79
C TYR B 244 -5.69 3.99 -7.58
N ARG B 245 -5.68 2.83 -6.94
CA ARG B 245 -5.95 1.58 -7.64
C ARG B 245 -7.43 1.47 -7.97
N ALA B 246 -7.72 0.88 -9.13
CA ALA B 246 -9.10 0.64 -9.51
C ALA B 246 -9.70 -0.47 -8.65
N PRO B 247 -11.02 -0.48 -8.48
CA PRO B 247 -11.64 -1.55 -7.67
C PRO B 247 -11.42 -2.93 -8.26
N GLU B 248 -11.46 -3.07 -9.59
CA GLU B 248 -11.19 -4.36 -10.20
C GLU B 248 -9.76 -4.81 -9.96
N LEU B 249 -8.84 -3.85 -9.74
CA LEU B 249 -7.46 -4.21 -9.46
C LEU B 249 -7.30 -4.80 -8.06
N ILE B 250 -7.99 -4.21 -7.08
CA ILE B 250 -7.89 -4.72 -5.71
C ILE B 250 -8.53 -6.09 -5.61
N PHE B 251 -9.64 -6.31 -6.32
CA PHE B 251 -10.25 -7.63 -6.39
C PHE B 251 -9.37 -8.64 -7.12
N GLY B 252 -8.33 -8.19 -7.82
CA GLY B 252 -7.41 -9.11 -8.47
C GLY B 252 -7.78 -9.51 -9.88
N ALA B 253 -8.51 -8.67 -10.61
CA ALA B 253 -8.90 -9.01 -11.96
C ALA B 253 -7.72 -8.88 -12.92
N THR B 254 -7.72 -9.72 -13.94
CA THR B 254 -6.70 -9.68 -14.99
C THR B 254 -7.28 -9.30 -16.34
N ASP B 255 -8.59 -9.07 -16.43
CA ASP B 255 -9.27 -8.71 -17.67
C ASP B 255 -9.71 -7.25 -17.66
N TYR B 256 -8.90 -6.38 -17.05
CA TYR B 256 -9.26 -4.98 -16.95
C TYR B 256 -8.90 -4.24 -18.25
N THR B 257 -9.45 -3.05 -18.40
CA THR B 257 -9.24 -2.21 -19.57
C THR B 257 -8.44 -0.97 -19.19
N SER B 258 -8.39 0.00 -20.10
CA SER B 258 -7.72 1.26 -19.83
C SER B 258 -8.53 2.14 -18.87
N SER B 259 -9.74 1.74 -18.51
CA SER B 259 -10.56 2.51 -17.58
C SER B 259 -9.96 2.57 -16.18
N ILE B 260 -8.97 1.73 -15.88
CA ILE B 260 -8.29 1.82 -14.60
C ILE B 260 -7.54 3.14 -14.49
N ASP B 261 -7.11 3.70 -15.62
CA ASP B 261 -6.50 5.02 -15.62
C ASP B 261 -7.53 6.11 -15.32
N VAL B 262 -8.77 5.90 -15.76
CA VAL B 262 -9.82 6.88 -15.49
C VAL B 262 -10.17 6.90 -14.01
N TRP B 263 -10.23 5.72 -13.39
CA TRP B 263 -10.44 5.66 -11.94
C TRP B 263 -9.31 6.38 -11.20
N SER B 264 -8.06 6.09 -11.57
CA SER B 264 -6.94 6.77 -10.95
C SER B 264 -6.98 8.27 -11.19
N ALA B 265 -7.50 8.69 -12.34
CA ALA B 265 -7.70 10.12 -12.58
C ALA B 265 -8.76 10.68 -11.65
N GLY B 266 -9.86 9.95 -11.46
CA GLY B 266 -10.89 10.39 -10.54
C GLY B 266 -10.41 10.49 -9.11
N CYS B 267 -9.50 9.59 -8.72
CA CYS B 267 -8.91 9.68 -7.37
C CYS B 267 -8.01 10.89 -7.21
N VAL B 268 -7.49 11.44 -8.31
CA VAL B 268 -6.68 12.65 -8.23
C VAL B 268 -7.58 13.88 -8.15
N LEU B 269 -8.65 13.91 -8.94
CA LEU B 269 -9.58 15.03 -8.90
C LEU B 269 -10.21 15.17 -7.52
N ALA B 270 -10.67 14.06 -6.94
CA ALA B 270 -11.26 14.10 -5.61
C ALA B 270 -10.23 14.52 -4.56
N GLU B 271 -8.96 14.16 -4.77
CA GLU B 271 -7.91 14.57 -3.84
C GLU B 271 -7.69 16.08 -3.89
N LEU B 272 -7.75 16.66 -5.09
CA LEU B 272 -7.52 18.10 -5.22
C LEU B 272 -8.68 18.90 -4.66
N LEU B 273 -9.89 18.34 -4.67
CA LEU B 273 -11.04 19.04 -4.10
C LEU B 273 -11.10 18.88 -2.59
N LEU B 274 -10.64 17.76 -2.06
CA LEU B 274 -10.67 17.49 -0.63
C LEU B 274 -9.42 18.02 0.09
N GLY B 275 -8.26 17.87 -0.52
CA GLY B 275 -7.00 18.16 0.15
C GLY B 275 -6.34 16.96 0.79
N GLN B 276 -6.87 15.76 0.56
CA GLN B 276 -6.33 14.53 1.12
C GLN B 276 -6.89 13.37 0.32
N PRO B 277 -6.23 12.20 0.35
CA PRO B 277 -6.73 11.05 -0.42
C PRO B 277 -8.16 10.69 -0.04
N ILE B 278 -8.98 10.42 -1.07
CA ILE B 278 -10.38 10.09 -0.82
C ILE B 278 -10.54 8.62 -0.44
N PHE B 279 -9.68 7.73 -0.96
CA PHE B 279 -9.75 6.31 -0.66
C PHE B 279 -8.42 5.85 -0.08
N PRO B 280 -8.12 6.20 1.18
CA PRO B 280 -6.87 5.76 1.78
C PRO B 280 -6.98 4.38 2.41
N GLY B 281 -5.87 3.86 2.94
CA GLY B 281 -5.86 2.55 3.55
C GLY B 281 -4.57 1.80 3.33
N ASP B 282 -4.08 1.13 4.38
CA ASP B 282 -2.82 0.39 4.26
C ASP B 282 -3.00 -0.97 3.61
N SER B 283 -4.22 -1.50 3.57
CA SER B 283 -4.50 -2.79 2.96
C SER B 283 -5.57 -2.63 1.89
N GLY B 284 -5.76 -3.70 1.10
CA GLY B 284 -6.84 -3.69 0.13
C GLY B 284 -8.21 -3.73 0.77
N VAL B 285 -8.32 -4.37 1.93
CA VAL B 285 -9.57 -4.34 2.68
C VAL B 285 -9.88 -2.93 3.15
N ASP B 286 -8.85 -2.21 3.61
CA ASP B 286 -9.06 -0.86 4.11
C ASP B 286 -9.42 0.11 3.01
N GLN B 287 -8.90 -0.10 1.79
CA GLN B 287 -9.26 0.78 0.68
C GLN B 287 -10.68 0.52 0.21
N LEU B 288 -11.11 -0.74 0.18
CA LEU B 288 -12.48 -1.06 -0.21
C LEU B 288 -13.49 -0.44 0.75
N VAL B 289 -13.21 -0.48 2.05
CA VAL B 289 -14.12 0.11 3.03
C VAL B 289 -14.34 1.58 2.72
N GLU B 290 -13.26 2.34 2.54
CA GLU B 290 -13.38 3.75 2.20
C GLU B 290 -14.10 3.96 0.87
N ILE B 291 -14.16 2.93 0.03
CA ILE B 291 -14.95 3.02 -1.21
C ILE B 291 -16.41 2.74 -0.93
N ILE B 292 -16.70 1.75 -0.09
CA ILE B 292 -18.09 1.44 0.25
C ILE B 292 -18.73 2.59 1.01
N LYS B 293 -17.94 3.32 1.79
CA LYS B 293 -18.48 4.48 2.50
C LYS B 293 -19.03 5.52 1.53
N VAL B 294 -18.39 5.68 0.37
CA VAL B 294 -18.77 6.69 -0.59
C VAL B 294 -19.74 6.11 -1.62
N LEU B 295 -19.27 5.15 -2.41
CA LEU B 295 -20.05 4.61 -3.52
C LEU B 295 -21.16 3.67 -3.07
N GLY B 296 -21.22 3.30 -1.80
CA GLY B 296 -22.20 2.35 -1.33
C GLY B 296 -21.81 0.92 -1.66
N THR B 297 -22.63 -0.01 -1.19
CA THR B 297 -22.37 -1.43 -1.42
C THR B 297 -22.60 -1.77 -2.89
N PRO B 298 -21.63 -2.35 -3.58
CA PRO B 298 -21.84 -2.68 -4.99
C PRO B 298 -22.79 -3.86 -5.13
N THR B 299 -23.69 -3.75 -6.10
CA THR B 299 -24.63 -4.82 -6.38
C THR B 299 -23.90 -6.04 -6.92
N ARG B 300 -24.59 -7.19 -6.90
CA ARG B 300 -23.99 -8.42 -7.39
C ARG B 300 -23.68 -8.35 -8.88
N GLU B 301 -24.43 -7.53 -9.63
CA GLU B 301 -24.10 -7.32 -11.03
C GLU B 301 -22.84 -6.48 -11.18
N GLN B 302 -22.60 -5.55 -10.26
CA GLN B 302 -21.39 -4.74 -10.31
C GLN B 302 -20.15 -5.55 -9.95
N ILE B 303 -20.30 -6.50 -9.02
CA ILE B 303 -19.18 -7.38 -8.67
C ILE B 303 -18.78 -8.24 -9.86
N ARG B 304 -19.77 -8.73 -10.61
CA ARG B 304 -19.49 -9.59 -11.75
C ARG B 304 -18.77 -8.83 -12.87
N GLU B 305 -19.03 -7.52 -12.99
CA GLU B 305 -18.38 -6.74 -14.04
C GLU B 305 -16.97 -6.32 -13.64
N MET B 306 -16.70 -6.17 -12.35
CA MET B 306 -15.36 -5.86 -11.88
C MET B 306 -14.47 -7.09 -12.01
N ASN B 307 -14.51 -7.95 -10.99
CA ASN B 307 -13.84 -9.24 -11.05
C ASN B 307 -14.88 -10.34 -11.23
N PRO B 308 -15.01 -10.92 -12.42
CA PRO B 308 -16.02 -11.98 -12.61
C PRO B 308 -15.77 -13.20 -11.74
N ASN B 309 -14.56 -13.36 -11.20
CA ASN B 309 -14.28 -14.50 -10.34
C ASN B 309 -15.11 -14.47 -9.06
N TYR B 310 -15.49 -13.27 -8.61
CA TYR B 310 -16.19 -13.08 -7.34
C TYR B 310 -15.34 -13.65 -6.22
N THR B 311 -14.47 -12.83 -5.63
CA THR B 311 -13.46 -13.31 -4.69
C THR B 311 -14.04 -13.86 -3.40
N GLU B 312 -15.35 -14.14 -3.39
CA GLU B 312 -16.01 -14.85 -2.30
C GLU B 312 -15.89 -14.10 -0.97
N PHE B 313 -16.37 -12.86 -0.97
CA PHE B 313 -16.37 -12.04 0.23
C PHE B 313 -17.72 -11.34 0.37
N LYS B 314 -18.14 -11.17 1.61
CA LYS B 314 -19.36 -10.46 1.94
C LYS B 314 -19.01 -9.12 2.59
N PHE B 315 -19.61 -8.05 2.10
CA PHE B 315 -19.31 -6.71 2.56
C PHE B 315 -20.49 -6.13 3.35
N PRO B 316 -20.23 -5.26 4.31
CA PRO B 316 -21.33 -4.61 5.04
C PRO B 316 -22.13 -3.72 4.12
N GLN B 317 -23.43 -3.62 4.42
CA GLN B 317 -24.37 -2.89 3.58
C GLN B 317 -24.49 -1.46 4.10
N ILE B 318 -23.80 -0.53 3.43
CA ILE B 318 -23.86 0.88 3.76
C ILE B 318 -24.51 1.62 2.60
N LYS B 319 -25.40 2.55 2.92
CA LYS B 319 -26.07 3.33 1.90
C LYS B 319 -25.09 4.25 1.18
N ALA B 320 -25.52 4.74 0.02
CA ALA B 320 -24.68 5.60 -0.81
C ALA B 320 -24.55 6.97 -0.15
N HIS B 321 -23.34 7.31 0.29
CA HIS B 321 -23.06 8.63 0.82
C HIS B 321 -23.31 9.66 -0.27
N PRO B 322 -24.25 10.59 -0.09
CA PRO B 322 -24.49 11.60 -1.12
C PRO B 322 -23.21 12.37 -1.45
N TRP B 323 -22.83 12.31 -2.73
CA TRP B 323 -21.56 12.86 -3.19
C TRP B 323 -21.34 14.30 -2.74
N THR B 324 -22.41 15.08 -2.64
CA THR B 324 -22.27 16.48 -2.24
C THR B 324 -21.88 16.64 -0.77
N LYS B 325 -22.10 15.61 0.06
CA LYS B 325 -21.72 15.67 1.46
C LYS B 325 -20.32 15.14 1.71
N VAL B 326 -19.59 14.80 0.65
CA VAL B 326 -18.21 14.34 0.80
C VAL B 326 -17.22 15.50 0.79
N PHE B 327 -17.50 16.55 0.03
CA PHE B 327 -16.57 17.64 -0.19
C PHE B 327 -16.90 18.83 0.71
N ARG B 328 -16.15 19.92 0.53
CA ARG B 328 -16.40 21.15 1.24
C ARG B 328 -17.73 21.77 0.77
N PRO B 329 -18.28 22.71 1.54
CA PRO B 329 -19.56 23.33 1.12
C PRO B 329 -19.47 24.05 -0.22
N ARG B 330 -18.48 24.91 -0.41
CA ARG B 330 -18.36 25.71 -1.62
C ARG B 330 -17.80 24.92 -2.81
N THR B 331 -17.73 23.60 -2.73
CA THR B 331 -17.19 22.81 -3.82
C THR B 331 -18.11 22.93 -5.03
N PRO B 332 -17.58 23.25 -6.21
CA PRO B 332 -18.43 23.43 -7.40
C PRO B 332 -19.19 22.15 -7.73
N PRO B 333 -20.47 22.27 -8.09
CA PRO B 333 -21.26 21.06 -8.36
C PRO B 333 -20.76 20.25 -9.55
N GLU B 334 -20.33 20.92 -10.62
CA GLU B 334 -19.84 20.21 -11.80
C GLU B 334 -18.59 19.39 -11.48
N ALA B 335 -17.81 19.84 -10.50
CA ALA B 335 -16.68 19.02 -10.05
C ALA B 335 -17.16 17.78 -9.32
N ILE B 336 -18.23 17.90 -8.54
CA ILE B 336 -18.79 16.75 -7.84
C ILE B 336 -19.44 15.78 -8.84
N ALA B 337 -20.10 16.33 -9.87
CA ALA B 337 -20.72 15.48 -10.88
C ALA B 337 -19.68 14.75 -11.70
N LEU B 338 -18.57 15.43 -12.03
CA LEU B 338 -17.50 14.76 -12.78
C LEU B 338 -16.89 13.63 -11.98
N CYS B 339 -16.71 13.83 -10.66
CA CYS B 339 -16.16 12.77 -9.82
C CYS B 339 -17.09 11.56 -9.79
N SER B 340 -18.40 11.79 -9.77
CA SER B 340 -19.34 10.68 -9.73
C SER B 340 -19.33 9.86 -11.02
N ARG B 341 -18.88 10.44 -12.14
CA ARG B 341 -18.81 9.73 -13.39
C ARG B 341 -17.44 9.10 -13.65
N LEU B 342 -16.44 9.44 -12.85
CA LEU B 342 -15.12 8.82 -12.93
C LEU B 342 -14.95 7.67 -11.94
N LEU B 343 -15.44 7.85 -10.71
CA LEU B 343 -15.33 6.82 -9.67
C LEU B 343 -16.60 5.98 -9.66
N GLU B 344 -16.71 5.11 -10.65
CA GLU B 344 -17.82 4.19 -10.79
C GLU B 344 -17.31 2.75 -10.66
N TYR B 345 -18.16 1.88 -10.13
CA TYR B 345 -17.76 0.49 -9.94
C TYR B 345 -17.52 -0.22 -11.26
N THR B 346 -18.55 -0.32 -12.09
CA THR B 346 -18.42 -0.98 -13.38
C THR B 346 -17.43 -0.22 -14.27
N PRO B 347 -16.37 -0.86 -14.74
CA PRO B 347 -15.34 -0.13 -15.50
C PRO B 347 -15.85 0.50 -16.78
N THR B 348 -16.86 -0.10 -17.43
CA THR B 348 -17.34 0.44 -18.69
C THR B 348 -18.14 1.73 -18.49
N ALA B 349 -18.74 1.90 -17.31
CA ALA B 349 -19.57 3.08 -17.06
C ALA B 349 -18.76 4.33 -16.76
N ARG B 350 -17.44 4.23 -16.64
CA ARG B 350 -16.61 5.39 -16.40
C ARG B 350 -16.42 6.17 -17.71
N LEU B 351 -16.36 7.50 -17.58
CA LEU B 351 -16.18 8.34 -18.75
C LEU B 351 -14.86 8.03 -19.44
N THR B 352 -14.89 8.01 -20.77
CA THR B 352 -13.66 7.95 -21.53
C THR B 352 -12.89 9.27 -21.33
N PRO B 353 -11.56 9.23 -21.42
CA PRO B 353 -10.78 10.46 -21.22
C PRO B 353 -11.20 11.60 -22.15
N LEU B 354 -11.75 11.28 -23.33
CA LEU B 354 -12.26 12.33 -24.20
C LEU B 354 -13.58 12.87 -23.70
N GLU B 355 -14.50 11.98 -23.30
CA GLU B 355 -15.77 12.41 -22.74
C GLU B 355 -15.60 13.18 -21.44
N ALA B 356 -14.45 13.05 -20.78
CA ALA B 356 -14.18 13.84 -19.59
C ALA B 356 -13.79 15.27 -19.96
N CYS B 357 -13.07 15.43 -21.08
CA CYS B 357 -12.68 16.78 -21.51
C CYS B 357 -13.89 17.62 -21.91
N ALA B 358 -14.95 16.98 -22.37
CA ALA B 358 -16.17 17.69 -22.77
C ALA B 358 -17.10 17.97 -21.60
N HIS B 359 -16.71 17.62 -20.38
CA HIS B 359 -17.59 17.81 -19.22
C HIS B 359 -17.81 19.29 -18.94
N SER B 360 -18.97 19.60 -18.38
CA SER B 360 -19.30 20.98 -18.04
C SER B 360 -18.35 21.57 -17.01
N PHE B 361 -17.63 20.73 -16.27
CA PHE B 361 -16.68 21.24 -15.28
C PHE B 361 -15.55 22.00 -15.93
N PHE B 362 -15.18 21.65 -17.16
CA PHE B 362 -14.10 22.30 -17.89
C PHE B 362 -14.59 23.43 -18.79
N ASP B 363 -15.79 23.95 -18.55
CA ASP B 363 -16.34 24.97 -19.43
C ASP B 363 -15.62 26.31 -19.28
N GLU B 364 -15.11 26.61 -18.08
CA GLU B 364 -14.37 27.87 -17.90
C GLU B 364 -13.09 27.87 -18.72
N LEU B 365 -12.52 26.70 -19.01
CA LEU B 365 -11.31 26.64 -19.81
C LEU B 365 -11.58 27.02 -21.26
N ARG B 366 -12.82 26.85 -21.72
CA ARG B 366 -13.20 27.19 -23.08
C ARG B 366 -13.78 28.59 -23.22
N ASP B 367 -13.78 29.37 -22.14
CA ASP B 367 -14.19 30.76 -22.22
C ASP B 367 -13.10 31.57 -22.90
N PRO B 368 -13.42 32.42 -23.88
CA PRO B 368 -12.37 33.13 -24.61
C PRO B 368 -11.64 34.19 -23.79
N ASN B 369 -12.12 34.52 -22.59
CA ASN B 369 -11.49 35.53 -21.75
C ASN B 369 -10.74 34.92 -20.56
N VAL B 370 -10.58 33.60 -20.52
CA VAL B 370 -9.91 32.97 -19.40
C VAL B 370 -8.42 33.32 -19.43
N LYS B 371 -7.84 33.50 -18.25
CA LYS B 371 -6.43 33.84 -18.12
C LYS B 371 -5.86 33.17 -16.88
N LEU B 372 -4.53 33.10 -16.83
CA LEU B 372 -3.89 32.54 -15.65
C LEU B 372 -3.91 33.56 -14.51
N PRO B 373 -3.91 33.09 -13.27
CA PRO B 373 -3.86 34.02 -12.12
C PRO B 373 -2.63 34.91 -12.12
N ASN B 374 -1.53 34.47 -12.71
CA ASN B 374 -0.31 35.27 -12.77
C ASN B 374 -0.27 36.22 -13.97
N GLY B 375 -1.31 36.23 -14.80
CA GLY B 375 -1.42 37.13 -15.92
C GLY B 375 -1.22 36.50 -17.28
N ARG B 376 -0.53 35.36 -17.35
CA ARG B 376 -0.26 34.74 -18.64
C ARG B 376 -1.52 34.10 -19.21
N ASP B 377 -1.41 33.65 -20.45
CA ASP B 377 -2.51 32.95 -21.12
C ASP B 377 -2.51 31.47 -20.74
N THR B 378 -3.66 30.84 -20.93
CA THR B 378 -3.75 29.41 -20.73
C THR B 378 -2.91 28.69 -21.78
N PRO B 379 -2.19 27.62 -21.39
CA PRO B 379 -1.36 26.91 -22.37
C PRO B 379 -2.19 26.18 -23.42
N ALA B 380 -1.53 25.38 -24.26
CA ALA B 380 -2.22 24.68 -25.33
C ALA B 380 -3.25 23.71 -24.76
N LEU B 381 -4.52 23.93 -25.09
CA LEU B 381 -5.60 23.10 -24.61
C LEU B 381 -6.52 22.58 -25.72
N PHE B 382 -6.41 23.10 -26.94
CA PHE B 382 -7.38 22.78 -27.99
C PHE B 382 -6.75 22.30 -29.29
N ASN B 383 -5.42 22.20 -29.36
CA ASN B 383 -4.75 21.75 -30.59
C ASN B 383 -4.82 20.22 -30.70
N PHE B 384 -6.05 19.71 -30.73
CA PHE B 384 -6.28 18.28 -30.86
C PHE B 384 -5.86 17.79 -32.25
N THR B 385 -5.43 16.53 -32.29
CA THR B 385 -5.13 15.84 -33.53
C THR B 385 -6.22 14.82 -33.83
N THR B 386 -6.18 14.29 -35.05
CA THR B 386 -7.11 13.22 -35.40
C THR B 386 -6.86 11.97 -34.57
N GLN B 387 -5.60 11.73 -34.18
CA GLN B 387 -5.28 10.61 -33.30
C GLN B 387 -5.93 10.79 -31.93
N GLU B 388 -5.96 12.03 -31.42
CA GLU B 388 -6.53 12.27 -30.11
C GLU B 388 -8.04 12.07 -30.11
N LEU B 389 -8.72 12.55 -31.16
CA LEU B 389 -10.17 12.52 -31.22
C LEU B 389 -10.72 11.24 -31.85
N SER B 390 -9.87 10.23 -32.07
CA SER B 390 -10.33 8.99 -32.70
C SER B 390 -11.33 8.23 -31.84
N SER B 391 -11.31 8.40 -30.52
CA SER B 391 -12.26 7.71 -29.67
C SER B 391 -13.66 8.28 -29.79
N ASN B 392 -13.80 9.53 -30.22
CA ASN B 392 -15.10 10.16 -30.43
C ASN B 392 -14.91 11.47 -31.21
N PRO B 393 -14.86 11.39 -32.54
CA PRO B 393 -14.63 12.61 -33.35
C PRO B 393 -15.72 13.66 -33.16
N PRO B 394 -17.01 13.29 -33.09
CA PRO B 394 -18.05 14.33 -32.89
C PRO B 394 -17.87 15.16 -31.62
N LEU B 395 -16.94 14.80 -30.73
CA LEU B 395 -16.65 15.62 -29.56
C LEU B 395 -15.85 16.87 -29.88
N ALA B 396 -15.41 17.05 -31.13
CA ALA B 396 -14.65 18.23 -31.51
C ALA B 396 -15.47 19.50 -31.45
N THR B 397 -16.80 19.39 -31.57
CA THR B 397 -17.65 20.58 -31.46
C THR B 397 -17.57 21.17 -30.06
N ILE B 398 -17.47 20.33 -29.04
CA ILE B 398 -17.38 20.81 -27.67
C ILE B 398 -15.93 21.06 -27.26
N LEU B 399 -15.02 20.16 -27.62
CA LEU B 399 -13.64 20.25 -27.13
C LEU B 399 -12.94 21.50 -27.67
N ILE B 400 -13.19 21.85 -28.92
CA ILE B 400 -12.54 22.98 -29.57
C ILE B 400 -13.52 24.15 -29.57
N PRO B 401 -13.26 25.21 -28.80
CA PRO B 401 -14.22 26.32 -28.72
C PRO B 401 -14.16 27.19 -29.96
N PRO B 402 -15.12 28.12 -30.13
CA PRO B 402 -15.10 28.97 -31.34
C PRO B 402 -13.81 29.76 -31.52
N HIS B 403 -13.28 30.37 -30.44
CA HIS B 403 -12.14 31.26 -30.57
C HIS B 403 -10.82 30.54 -30.82
N ALA B 404 -10.83 29.21 -30.93
CA ALA B 404 -9.60 28.45 -31.11
C ALA B 404 -8.91 28.81 -32.44
#